data_8FRI
#
_entry.id   8FRI
#
_cell.length_a   118.427
_cell.length_b   178.992
_cell.length_c   233.980
_cell.angle_alpha   90.00
_cell.angle_beta   90.00
_cell.angle_gamma   90.00
#
_symmetry.space_group_name_H-M   'I 2 2 2'
#
loop_
_entity.id
_entity.type
_entity.pdbx_description
1 polymer 'Lysine-specific histone demethylase 1A'
2 polymer 'REST corepressor 1'
3 non-polymer '[(2R,3S,4R,5R)-5-(6-amino-9H-purin-9-yl)-3,4-dihydroxyoxolan-2-yl]methyl (2R,3S,4S)-2,3,4-trihydroxy-5-[(1R,3S,3aS,13R)-1-hydroxy-10,11-dimethyl-4,6-dioxo-3-([1~1~,2~1~:2~3~,3~1~-terphenyl]-1~4~-yl)-2,3,5,6-tetrahydro-1H-benzo[g]pyrrolo[2,1-e]pteridin-8(4H)-yl]pentyl dihydrogen diphosphate (non-preferred name)'
#
loop_
_entity_poly.entity_id
_entity_poly.type
_entity_poly.pdbx_seq_one_letter_code
_entity_poly.pdbx_strand_id
1 'polypeptide(L)'
;GSSHHHHHHSSGLVPRGSHMLSGKKAAAAAAAAAAAATGTEAGPGTAGGSENGSEVAAQPAGLSGPAEVGPGAVGERTPR
KKEPPRASPPGGLAEPPGSAGPQAGPTVVPGSATPMETGIAETPEGRRTSRRKRAKVEYREMDESLANLSEDEYYSEEER
NAKAEKEKKLPPPPPQAPPEEENESEPEEPSGVEGAAFQSRLPHDRMTSQEAACFPDIISGPQQTQKVFLFIRNRTLQLW
LDNPKIQLTFEATLQQLEAPYNSDTVLVHRVHSYLERHGLINFGIYKRIKPLPTKKTGKVIIIGSGVSGLAAARQLQSFG
MDVTLLEARDRVGGRVATFRKGNYVADLGAMVVTGLGGNPMAVVSKQVNMELAKIKQKCPLYEANGQAVPKEKDEMVEQE
FNRLLEATSYLSHQLDFNVLNNKPVSLGQALEVVIQLQEKHVKDEQIEHWKKIVKTQEELKELLNKMVNLKEKIKELHQQ
YKEASEVKPPRDITAEFLVKSKHRDLTALCKEYDELAETQGKLEEKLQELEANPPSDVYLSSRDRQILDWHFANLEFANA
TPLSTLSLKHWDQDDDFEFTGSHLTVRNGYSCVPVALAEGLDIKLNTAVRQVRYTASGCEVIAVNTRSTSQTFIYKCDAV
LCTLPLGVLKQQPPAVQFVPPLPEWKTSAVQRMGFGNLNKVVLCFDRVFWDPSVNLFGHVGSTTASRGELFLFWNLYKAP
ILLALVAGEAAGIMENISDDVIVGRCLAILKGIFGSSAVPQPKETVVSRWRADPWARGSYSYVAAGSSGNDYDLMAQPIT
PGPSIPGAPQPIPRLFFAGEHTIRNYPATVHGALLSGLREAGRIADQFLGAMYTLPRQATPGVPAQQSPSM
;
A
2 'polypeptide(L)'
;GPLGSPEFRAKRKPPKGMFLSQEDVEAVSANATAATTVLRQLDMELVSVKRQIQNIKQTNSALKEKLDGGIEPYRLPEVI
QKCNARWTTEEQLLAVQAIRKYGRDFQAISDVIGNKSVVQVKNFFVNYRRRFNIDEVLQEWEAE
;
B
#
# COMPACT_ATOMS: atom_id res chain seq x y z
N PRO A 190 -10.12 4.17 -26.13
CA PRO A 190 -10.55 3.47 -27.36
C PRO A 190 -11.54 4.32 -28.23
N SER A 191 -11.69 3.98 -29.52
CA SER A 191 -12.51 4.75 -30.48
C SER A 191 -13.33 3.81 -31.38
N GLY A 192 -14.25 4.42 -32.12
CA GLY A 192 -15.16 3.69 -33.01
C GLY A 192 -16.53 3.50 -32.39
N VAL A 193 -17.26 2.52 -32.91
CA VAL A 193 -18.37 1.98 -32.14
C VAL A 193 -17.86 1.41 -30.85
N GLU A 194 -16.56 1.24 -30.72
CA GLU A 194 -16.07 0.35 -29.70
C GLU A 194 -15.46 1.12 -28.52
N GLY A 195 -15.25 2.43 -28.64
CA GLY A 195 -15.11 3.27 -27.48
C GLY A 195 -16.42 3.62 -26.85
N ALA A 196 -17.50 3.46 -27.63
CA ALA A 196 -18.85 3.57 -27.07
C ALA A 196 -19.07 2.54 -25.96
N ALA A 197 -18.64 1.29 -26.20
CA ALA A 197 -18.78 0.25 -25.18
C ALA A 197 -17.89 0.52 -23.98
N PHE A 198 -16.67 0.99 -24.22
CA PHE A 198 -15.79 1.31 -23.11
C PHE A 198 -16.37 2.47 -22.27
N GLN A 199 -16.77 3.56 -22.94
CA GLN A 199 -17.32 4.75 -22.28
C GLN A 199 -18.68 4.47 -21.62
N SER A 200 -19.25 3.27 -21.84
CA SER A 200 -20.45 2.81 -21.15
C SER A 200 -20.14 1.68 -20.16
N ARG A 201 -18.88 1.39 -19.89
CA ARG A 201 -18.45 0.38 -18.92
C ARG A 201 -18.97 -1.00 -19.32
N LEU A 202 -18.94 -1.28 -20.62
CA LEU A 202 -19.35 -2.56 -21.20
C LEU A 202 -18.22 -3.17 -22.00
N PRO A 203 -18.04 -4.49 -21.93
CA PRO A 203 -17.14 -5.15 -22.89
C PRO A 203 -17.71 -5.01 -24.30
N HIS A 204 -16.86 -4.58 -25.24
CA HIS A 204 -17.29 -4.39 -26.63
C HIS A 204 -17.56 -5.70 -27.37
N ASP A 205 -17.03 -6.82 -26.89
CA ASP A 205 -16.96 -8.05 -27.67
C ASP A 205 -17.51 -9.27 -26.94
N ARG A 206 -18.32 -9.04 -25.92
CA ARG A 206 -19.02 -10.12 -25.21
C ARG A 206 -20.29 -9.56 -24.57
N MET A 207 -21.26 -10.41 -24.25
CA MET A 207 -22.51 -9.90 -23.66
C MET A 207 -22.40 -10.01 -22.15
N THR A 208 -23.01 -9.09 -21.42
CA THR A 208 -22.90 -9.06 -19.94
C THR A 208 -23.98 -9.91 -19.30
N SER A 209 -23.94 -10.12 -18.00
CA SER A 209 -25.01 -10.92 -17.40
C SER A 209 -26.31 -10.19 -17.59
N GLN A 210 -26.29 -8.86 -17.53
CA GLN A 210 -27.52 -8.11 -17.82
C GLN A 210 -28.16 -8.59 -19.11
N GLU A 211 -27.38 -8.58 -20.19
CA GLU A 211 -27.92 -8.80 -21.52
C GLU A 211 -28.33 -10.24 -21.74
N ALA A 212 -27.54 -11.17 -21.21
CA ALA A 212 -27.97 -12.55 -21.19
C ALA A 212 -29.36 -12.70 -20.56
N ALA A 213 -29.69 -11.84 -19.60
CA ALA A 213 -30.99 -12.01 -18.95
C ALA A 213 -32.11 -11.48 -19.83
N CYS A 214 -31.89 -10.34 -20.47
CA CYS A 214 -32.88 -9.74 -21.36
C CYS A 214 -32.93 -10.41 -22.73
N PHE A 215 -31.83 -11.02 -23.18
CA PHE A 215 -31.74 -11.61 -24.52
C PHE A 215 -31.26 -13.05 -24.43
N PRO A 216 -31.91 -13.88 -23.63
CA PRO A 216 -31.43 -15.27 -23.49
C PRO A 216 -31.46 -16.04 -24.78
N ASP A 217 -32.26 -15.61 -25.77
CA ASP A 217 -32.25 -16.25 -27.08
C ASP A 217 -30.94 -15.97 -27.82
N ILE A 218 -30.44 -14.75 -27.71
CA ILE A 218 -29.23 -14.39 -28.45
C ILE A 218 -27.98 -15.05 -27.85
N ILE A 219 -27.87 -15.07 -26.51
CA ILE A 219 -26.64 -15.59 -25.89
C ILE A 219 -26.52 -17.10 -26.00
N SER A 220 -27.63 -17.84 -26.00
CA SER A 220 -27.52 -19.27 -26.24
C SER A 220 -27.56 -19.58 -27.73
N GLY A 221 -27.72 -18.54 -28.56
CA GLY A 221 -27.80 -18.67 -29.99
C GLY A 221 -26.43 -18.77 -30.64
N PRO A 222 -26.43 -18.80 -31.97
CA PRO A 222 -25.17 -18.91 -32.71
C PRO A 222 -24.31 -17.65 -32.56
N GLN A 223 -22.98 -17.87 -32.65
CA GLN A 223 -22.03 -16.79 -32.39
C GLN A 223 -22.25 -15.59 -33.30
N GLN A 224 -22.87 -15.82 -34.46
CA GLN A 224 -22.98 -14.74 -35.43
C GLN A 224 -24.06 -13.76 -35.04
N THR A 225 -25.20 -14.25 -34.52
CA THR A 225 -26.22 -13.34 -34.05
C THR A 225 -25.73 -12.56 -32.84
N GLN A 226 -24.89 -13.18 -32.00
CA GLN A 226 -24.26 -12.45 -30.88
C GLN A 226 -23.47 -11.25 -31.38
N LYS A 227 -22.67 -11.45 -32.44
CA LYS A 227 -21.87 -10.36 -32.99
C LYS A 227 -22.77 -9.28 -33.59
N VAL A 228 -23.91 -9.67 -34.15
CA VAL A 228 -24.87 -8.70 -34.67
C VAL A 228 -25.38 -7.83 -33.52
N PHE A 229 -25.84 -8.47 -32.46
CA PHE A 229 -26.38 -7.75 -31.31
C PHE A 229 -25.32 -6.84 -30.71
N LEU A 230 -24.09 -7.35 -30.56
CA LEU A 230 -23.02 -6.55 -29.97
C LEU A 230 -22.78 -5.29 -30.79
N PHE A 231 -22.82 -5.41 -32.13
CA PHE A 231 -22.64 -4.22 -32.95
C PHE A 231 -23.82 -3.26 -32.80
N ILE A 232 -25.04 -3.80 -32.76
CA ILE A 232 -26.21 -2.95 -32.63
C ILE A 232 -26.15 -2.18 -31.31
N ARG A 233 -25.84 -2.88 -30.21
CA ARG A 233 -25.63 -2.20 -28.93
C ARG A 233 -24.60 -1.09 -29.02
N ASN A 234 -23.37 -1.42 -29.49
CA ASN A 234 -22.27 -0.45 -29.50
C ASN A 234 -22.60 0.75 -30.38
N ARG A 235 -23.28 0.50 -31.50
CA ARG A 235 -23.62 1.56 -32.44
C ARG A 235 -24.64 2.53 -31.85
N THR A 236 -25.66 2.00 -31.15
CA THR A 236 -26.65 2.86 -30.50
C THR A 236 -26.04 3.66 -29.36
N LEU A 237 -25.21 3.00 -28.54
CA LEU A 237 -24.46 3.71 -27.51
C LEU A 237 -23.65 4.84 -28.12
N GLN A 238 -22.99 4.57 -29.24
CA GLN A 238 -22.22 5.61 -29.95
C GLN A 238 -23.09 6.80 -30.32
N LEU A 239 -24.23 6.54 -30.98
CA LEU A 239 -25.11 7.64 -31.40
C LEU A 239 -25.53 8.49 -30.20
N TRP A 240 -25.89 7.85 -29.08
CA TRP A 240 -26.24 8.62 -27.89
C TRP A 240 -25.03 9.42 -27.38
N LEU A 241 -23.86 8.80 -27.33
CA LEU A 241 -22.70 9.45 -26.75
C LEU A 241 -22.24 10.61 -27.62
N ASP A 242 -22.35 10.45 -28.95
CA ASP A 242 -21.92 11.47 -29.91
C ASP A 242 -22.76 12.74 -29.84
N ASN A 243 -23.89 12.70 -29.13
CA ASN A 243 -24.75 13.85 -28.96
C ASN A 243 -25.75 13.55 -27.84
N PRO A 244 -25.41 13.86 -26.59
CA PRO A 244 -26.30 13.48 -25.49
C PRO A 244 -27.17 14.62 -25.02
N LYS A 245 -27.40 15.62 -25.86
CA LYS A 245 -28.30 16.70 -25.48
C LYS A 245 -29.69 16.58 -26.11
N ILE A 246 -29.93 15.53 -26.89
CA ILE A 246 -31.25 15.26 -27.45
C ILE A 246 -31.54 13.76 -27.35
N GLN A 247 -32.81 13.43 -27.12
CA GLN A 247 -33.23 12.04 -27.03
C GLN A 247 -32.84 11.27 -28.29
N LEU A 248 -32.39 10.03 -28.10
CA LEU A 248 -32.13 9.13 -29.22
C LEU A 248 -33.30 8.17 -29.35
N THR A 249 -34.23 8.49 -30.24
CA THR A 249 -35.39 7.67 -30.53
C THR A 249 -35.00 6.40 -31.27
N PHE A 250 -35.88 5.39 -31.18
CA PHE A 250 -35.60 4.08 -31.80
C PHE A 250 -35.44 4.19 -33.30
N GLU A 251 -36.14 5.12 -33.90
CA GLU A 251 -36.24 5.25 -35.34
C GLU A 251 -35.30 6.32 -35.89
N ALA A 252 -34.82 7.23 -35.04
CA ALA A 252 -33.57 7.93 -35.33
C ALA A 252 -32.42 6.93 -35.34
N THR A 253 -32.48 5.92 -34.45
CA THR A 253 -31.41 4.93 -34.37
C THR A 253 -31.34 4.08 -35.63
N LEU A 254 -32.46 3.46 -36.01
CA LEU A 254 -32.47 2.56 -37.15
C LEU A 254 -32.21 3.31 -38.45
N GLN A 255 -32.54 4.61 -38.51
CA GLN A 255 -32.17 5.44 -39.64
C GLN A 255 -30.67 5.40 -39.90
N GLN A 256 -29.85 5.18 -38.84
CA GLN A 256 -28.40 5.28 -38.93
C GLN A 256 -27.65 3.95 -38.82
N LEU A 257 -28.29 2.88 -38.30
CA LEU A 257 -27.74 1.54 -38.51
C LEU A 257 -27.93 1.11 -39.95
N GLU A 258 -26.87 0.60 -40.57
CA GLU A 258 -27.02 0.28 -41.98
C GLU A 258 -26.72 -1.21 -42.17
N ALA A 259 -27.17 -1.76 -43.30
CA ALA A 259 -27.26 -3.21 -43.50
C ALA A 259 -25.90 -3.89 -43.34
N PRO A 260 -25.89 -5.18 -42.95
CA PRO A 260 -27.02 -6.07 -42.65
C PRO A 260 -27.75 -5.78 -41.33
N TYR A 261 -27.28 -4.77 -40.59
CA TYR A 261 -27.70 -4.58 -39.20
C TYR A 261 -29.07 -3.92 -39.08
N ASN A 262 -29.51 -3.15 -40.08
CA ASN A 262 -30.84 -2.54 -40.08
C ASN A 262 -31.90 -3.44 -40.70
N SER A 263 -31.62 -4.74 -40.85
CA SER A 263 -32.56 -5.68 -41.45
C SER A 263 -33.54 -6.25 -40.43
N ASP A 264 -33.03 -6.77 -39.31
CA ASP A 264 -33.88 -7.24 -38.22
C ASP A 264 -34.33 -6.02 -37.42
N THR A 265 -35.57 -5.61 -37.62
CA THR A 265 -36.02 -4.40 -36.93
C THR A 265 -36.55 -4.67 -35.53
N VAL A 266 -36.90 -5.91 -35.20
CA VAL A 266 -37.24 -6.20 -33.81
C VAL A 266 -35.99 -6.31 -32.94
N LEU A 267 -34.91 -6.89 -33.47
CA LEU A 267 -33.67 -6.91 -32.71
C LEU A 267 -33.18 -5.48 -32.45
N VAL A 268 -33.30 -4.59 -33.44
CA VAL A 268 -32.94 -3.19 -33.18
C VAL A 268 -33.91 -2.58 -32.18
N HIS A 269 -35.19 -2.93 -32.22
CA HIS A 269 -36.13 -2.33 -31.28
C HIS A 269 -35.93 -2.88 -29.88
N ARG A 270 -35.53 -4.14 -29.75
CA ARG A 270 -35.25 -4.72 -28.45
C ARG A 270 -34.02 -4.09 -27.81
N VAL A 271 -32.94 -3.96 -28.60
CA VAL A 271 -31.70 -3.36 -28.11
C VAL A 271 -31.94 -1.92 -27.67
N HIS A 272 -32.54 -1.11 -28.52
CA HIS A 272 -32.78 0.28 -28.13
C HIS A 272 -33.62 0.36 -26.88
N SER A 273 -34.53 -0.59 -26.66
CA SER A 273 -35.41 -0.44 -25.51
C SER A 273 -34.72 -0.89 -24.23
N TYR A 274 -33.91 -1.95 -24.31
CA TYR A 274 -33.05 -2.36 -23.20
C TYR A 274 -32.15 -1.21 -22.72
N LEU A 275 -31.45 -0.56 -23.66
CA LEU A 275 -30.58 0.54 -23.30
C LEU A 275 -31.37 1.69 -22.67
N GLU A 276 -32.50 2.06 -23.27
CA GLU A 276 -33.25 3.20 -22.76
C GLU A 276 -33.77 2.94 -21.37
N ARG A 277 -34.15 1.68 -21.10
CA ARG A 277 -34.78 1.30 -19.84
C ARG A 277 -33.78 1.34 -18.71
N HIS A 278 -32.56 0.85 -18.96
CA HIS A 278 -31.56 0.75 -17.92
C HIS A 278 -30.59 1.90 -17.93
N GLY A 279 -30.96 3.00 -18.58
CA GLY A 279 -30.25 4.26 -18.44
C GLY A 279 -28.92 4.34 -19.14
N LEU A 280 -28.63 3.46 -20.10
CA LEU A 280 -27.39 3.58 -20.86
C LEU A 280 -27.49 4.63 -21.96
N ILE A 281 -28.70 4.96 -22.40
CA ILE A 281 -28.96 6.08 -23.32
C ILE A 281 -30.14 6.85 -22.74
N ASN A 282 -30.26 8.08 -23.21
CA ASN A 282 -31.35 8.99 -22.81
C ASN A 282 -31.47 9.03 -21.29
N PHE A 283 -30.42 9.48 -20.64
CA PHE A 283 -30.43 9.64 -19.17
C PHE A 283 -29.82 11.00 -18.86
N GLY A 284 -30.20 11.59 -17.75
CA GLY A 284 -29.60 12.90 -17.47
C GLY A 284 -30.49 14.00 -17.93
N ILE A 285 -29.94 15.03 -18.55
CA ILE A 285 -30.77 16.17 -18.99
C ILE A 285 -30.71 16.28 -20.51
N TYR A 286 -31.68 15.74 -21.21
CA TYR A 286 -31.70 15.77 -22.68
C TYR A 286 -32.98 16.43 -23.16
N LYS A 287 -32.98 16.84 -24.42
CA LYS A 287 -34.18 17.45 -25.04
C LYS A 287 -35.07 16.30 -25.47
N ARG A 288 -36.36 16.40 -25.22
CA ARG A 288 -37.26 15.26 -25.52
C ARG A 288 -37.94 15.44 -26.87
N ILE A 289 -37.72 14.48 -27.76
CA ILE A 289 -38.35 14.46 -29.08
C ILE A 289 -39.83 14.14 -28.93
N LYS A 290 -40.14 12.90 -28.48
CA LYS A 290 -41.49 12.46 -28.15
C LYS A 290 -41.91 13.04 -26.80
N PRO A 291 -42.79 14.05 -26.73
CA PRO A 291 -43.19 14.57 -25.41
C PRO A 291 -43.95 13.52 -24.59
N LEU A 292 -44.05 13.77 -23.28
CA LEU A 292 -44.45 12.79 -22.30
C LEU A 292 -45.84 12.21 -22.61
N PRO A 293 -46.09 10.97 -22.16
CA PRO A 293 -47.50 10.51 -22.05
C PRO A 293 -48.36 11.49 -21.28
N THR A 294 -49.58 11.70 -21.80
CA THR A 294 -50.54 12.57 -21.12
C THR A 294 -50.80 12.08 -19.70
N LYS A 295 -51.02 10.77 -19.54
CA LYS A 295 -51.41 10.18 -18.27
C LYS A 295 -50.31 9.25 -17.75
N LYS A 296 -50.06 9.35 -16.46
CA LYS A 296 -49.02 8.57 -15.80
C LYS A 296 -49.44 7.11 -15.67
N THR A 297 -48.58 6.30 -15.07
CA THR A 297 -48.91 4.94 -14.66
C THR A 297 -48.13 4.64 -13.39
N GLY A 298 -48.79 4.12 -12.36
CA GLY A 298 -48.12 3.83 -11.09
C GLY A 298 -47.57 5.05 -10.38
N LYS A 299 -47.33 4.94 -9.06
CA LYS A 299 -46.82 6.05 -8.26
C LYS A 299 -45.65 5.62 -7.38
N VAL A 300 -44.50 6.30 -7.50
CA VAL A 300 -43.29 5.98 -6.75
C VAL A 300 -42.96 7.14 -5.83
N ILE A 301 -42.68 6.82 -4.58
CA ILE A 301 -42.12 7.78 -3.63
C ILE A 301 -40.62 7.50 -3.51
N ILE A 302 -39.82 8.56 -3.49
CA ILE A 302 -38.35 8.46 -3.50
C ILE A 302 -37.82 9.17 -2.28
N ILE A 303 -37.25 8.43 -1.33
CA ILE A 303 -36.77 9.05 -0.11
C ILE A 303 -35.38 9.61 -0.39
N GLY A 304 -35.22 10.93 -0.25
CA GLY A 304 -33.94 11.58 -0.46
C GLY A 304 -33.80 12.13 -1.87
N SER A 305 -33.37 13.39 -2.02
CA SER A 305 -33.13 13.96 -3.35
C SER A 305 -31.65 14.26 -3.56
N GLY A 306 -30.79 13.36 -3.09
CA GLY A 306 -29.42 13.36 -3.52
C GLY A 306 -29.35 12.92 -4.96
N VAL A 307 -28.12 12.69 -5.40
CA VAL A 307 -27.90 12.38 -6.80
C VAL A 307 -28.53 11.05 -7.15
N SER A 308 -28.50 10.08 -6.24
CA SER A 308 -29.07 8.79 -6.63
C SER A 308 -30.58 8.91 -6.74
N GLY A 309 -31.21 9.54 -5.75
CA GLY A 309 -32.63 9.87 -5.84
C GLY A 309 -32.99 10.62 -7.10
N LEU A 310 -32.33 11.76 -7.35
CA LEU A 310 -32.69 12.58 -8.51
C LEU A 310 -32.53 11.79 -9.80
N ALA A 311 -31.51 10.94 -9.88
CA ALA A 311 -31.27 10.28 -11.16
C ALA A 311 -32.32 9.21 -11.44
N ALA A 312 -32.86 8.59 -10.39
CA ALA A 312 -33.96 7.66 -10.57
C ALA A 312 -35.24 8.41 -10.91
N ALA A 313 -35.53 9.47 -10.13
CA ALA A 313 -36.72 10.26 -10.34
C ALA A 313 -36.83 10.75 -11.78
N ARG A 314 -35.72 11.21 -12.38
CA ARG A 314 -35.81 11.65 -13.77
C ARG A 314 -36.07 10.48 -14.69
N GLN A 315 -35.45 9.33 -14.42
CA GLN A 315 -35.68 8.19 -15.28
C GLN A 315 -37.12 7.69 -15.17
N LEU A 316 -37.66 7.64 -13.95
CA LEU A 316 -39.04 7.17 -13.77
C LEU A 316 -40.02 8.11 -14.46
N GLN A 317 -39.99 9.39 -14.12
CA GLN A 317 -40.78 10.38 -14.85
C GLN A 317 -40.52 10.32 -16.35
N SER A 318 -39.31 9.94 -16.77
CA SER A 318 -39.05 9.77 -18.20
C SER A 318 -39.81 8.58 -18.77
N PHE A 319 -40.21 7.62 -17.93
CA PHE A 319 -40.77 6.36 -18.37
C PHE A 319 -42.29 6.34 -18.32
N GLY A 320 -42.90 7.38 -17.76
CA GLY A 320 -44.33 7.45 -17.62
C GLY A 320 -44.83 7.43 -16.19
N MET A 321 -43.97 7.36 -15.19
CA MET A 321 -44.51 7.21 -13.85
C MET A 321 -44.71 8.56 -13.17
N ASP A 322 -45.54 8.54 -12.13
CA ASP A 322 -45.76 9.65 -11.22
C ASP A 322 -44.71 9.52 -10.12
N VAL A 323 -43.87 10.55 -9.95
CA VAL A 323 -42.74 10.47 -9.02
C VAL A 323 -42.75 11.66 -8.08
N THR A 324 -42.54 11.39 -6.80
CA THR A 324 -42.40 12.43 -5.80
C THR A 324 -41.21 12.13 -4.89
N LEU A 325 -40.37 13.14 -4.64
CA LEU A 325 -39.17 13.00 -3.83
C LEU A 325 -39.39 13.67 -2.49
N LEU A 326 -39.04 12.96 -1.41
CA LEU A 326 -39.13 13.45 -0.05
C LEU A 326 -37.71 13.74 0.44
N GLU A 327 -37.45 14.98 0.87
CA GLU A 327 -36.09 15.44 1.17
C GLU A 327 -36.07 16.17 2.49
N ALA A 328 -35.29 15.65 3.45
CA ALA A 328 -35.25 16.24 4.78
C ALA A 328 -34.63 17.65 4.75
N ARG A 329 -33.61 17.84 3.94
CA ARG A 329 -32.88 19.12 3.91
C ARG A 329 -33.70 20.17 3.19
N ASP A 330 -33.23 21.41 3.22
CA ASP A 330 -33.94 22.50 2.52
C ASP A 330 -33.31 22.71 1.15
N ARG A 331 -32.47 21.80 0.70
CA ARG A 331 -31.86 21.91 -0.63
C ARG A 331 -31.65 20.51 -1.17
N VAL A 332 -31.54 20.39 -2.47
CA VAL A 332 -31.28 19.09 -3.13
C VAL A 332 -29.78 18.82 -3.14
N GLY A 333 -29.38 17.61 -3.50
CA GLY A 333 -27.98 17.24 -3.69
C GLY A 333 -27.39 16.47 -2.54
N GLY A 334 -27.94 16.57 -1.36
CA GLY A 334 -27.39 15.77 -0.27
C GLY A 334 -25.91 15.96 -0.05
N ARG A 335 -25.15 14.89 -0.17
CA ARG A 335 -23.70 14.97 0.06
C ARG A 335 -22.95 15.65 -1.10
N VAL A 336 -23.65 16.13 -2.13
CA VAL A 336 -23.12 17.14 -3.05
C VAL A 336 -23.64 18.48 -2.51
N ALA A 337 -22.84 19.10 -1.64
CA ALA A 337 -23.12 20.36 -0.97
C ALA A 337 -22.10 21.40 -1.41
N THR A 338 -22.58 22.57 -1.85
CA THR A 338 -21.72 23.64 -2.33
C THR A 338 -21.96 24.90 -1.50
N PHE A 339 -20.86 25.51 -1.04
CA PHE A 339 -20.90 26.79 -0.33
C PHE A 339 -20.88 27.92 -1.35
N ARG A 340 -21.68 28.96 -1.08
CA ARG A 340 -21.74 30.14 -1.94
C ARG A 340 -22.04 31.36 -1.08
N LYS A 341 -21.10 32.32 -1.10
CA LYS A 341 -21.28 33.63 -0.49
C LYS A 341 -20.54 34.61 -1.39
N GLY A 342 -21.21 35.67 -1.82
CA GLY A 342 -20.65 36.57 -2.81
C GLY A 342 -20.13 35.85 -4.03
N ASN A 343 -18.81 35.91 -4.25
CA ASN A 343 -18.12 35.22 -5.33
C ASN A 343 -17.38 33.99 -4.86
N TYR A 344 -17.29 33.76 -3.54
CA TYR A 344 -16.65 32.57 -3.03
C TYR A 344 -17.55 31.34 -3.28
N VAL A 345 -16.96 30.29 -3.85
CA VAL A 345 -17.65 29.05 -4.19
C VAL A 345 -16.74 27.91 -3.77
N ALA A 346 -17.27 26.92 -3.05
CA ALA A 346 -16.42 25.85 -2.51
C ALA A 346 -17.26 24.64 -2.12
N ASP A 347 -16.95 23.47 -2.68
CA ASP A 347 -17.69 22.26 -2.35
C ASP A 347 -17.35 21.74 -0.97
N LEU A 348 -18.36 21.50 -0.14
CA LEU A 348 -18.19 20.82 1.13
C LEU A 348 -18.38 19.32 0.99
N GLY A 349 -18.92 18.86 -0.13
CA GLY A 349 -19.15 17.45 -0.36
C GLY A 349 -18.26 16.93 -1.45
N ALA A 350 -18.80 16.12 -2.35
CA ALA A 350 -18.03 15.74 -3.52
C ALA A 350 -17.46 16.98 -4.19
N MET A 351 -16.26 16.84 -4.74
CA MET A 351 -15.50 17.95 -5.31
C MET A 351 -14.79 17.57 -6.58
N VAL A 352 -14.46 16.30 -6.72
CA VAL A 352 -13.62 15.85 -7.83
C VAL A 352 -14.37 14.88 -8.72
N VAL A 353 -14.07 14.90 -10.01
CA VAL A 353 -14.64 13.92 -10.96
C VAL A 353 -13.46 13.00 -11.23
N THR A 354 -13.56 11.73 -10.94
CA THR A 354 -12.35 10.91 -11.05
C THR A 354 -12.07 10.38 -12.44
N GLY A 355 -11.91 11.24 -13.45
CA GLY A 355 -11.56 10.74 -14.78
C GLY A 355 -12.77 10.58 -15.65
N LEU A 356 -12.73 11.00 -16.89
CA LEU A 356 -13.93 10.88 -17.73
C LEU A 356 -13.85 9.62 -18.57
N GLY A 357 -12.89 8.76 -18.34
CA GLY A 357 -12.82 7.59 -19.22
C GLY A 357 -13.81 6.53 -18.80
N GLY A 358 -15.05 6.65 -19.25
CA GLY A 358 -16.05 5.64 -18.89
C GLY A 358 -16.93 6.13 -17.76
N ASN A 359 -16.81 7.40 -17.46
CA ASN A 359 -17.55 8.03 -16.38
C ASN A 359 -18.86 8.53 -16.93
N PRO A 360 -20.00 8.15 -16.35
CA PRO A 360 -21.26 8.75 -16.79
C PRO A 360 -21.33 10.24 -16.50
N MET A 361 -20.61 10.76 -15.50
CA MET A 361 -20.56 12.21 -15.35
C MET A 361 -19.99 12.91 -16.58
N ALA A 362 -19.27 12.19 -17.44
CA ALA A 362 -18.82 12.78 -18.70
C ALA A 362 -20.02 13.21 -19.54
N VAL A 363 -20.98 12.30 -19.76
CA VAL A 363 -22.21 12.64 -20.45
C VAL A 363 -22.91 13.81 -19.76
N VAL A 364 -22.96 13.79 -18.46
CA VAL A 364 -23.66 14.90 -17.78
C VAL A 364 -22.90 16.20 -18.02
N SER A 365 -21.58 16.12 -18.12
CA SER A 365 -20.79 17.36 -18.31
C SER A 365 -21.16 18.00 -19.64
N LYS A 366 -21.34 17.19 -20.67
CA LYS A 366 -21.78 17.80 -21.94
C LYS A 366 -23.20 18.33 -21.73
N GLN A 367 -24.05 17.58 -21.04
CA GLN A 367 -25.46 17.98 -20.85
C GLN A 367 -25.56 19.25 -20.02
N VAL A 368 -24.85 19.34 -18.92
CA VAL A 368 -25.00 20.55 -18.08
C VAL A 368 -23.67 21.25 -18.08
N ASN A 369 -23.61 22.52 -18.43
CA ASN A 369 -22.24 23.08 -18.49
C ASN A 369 -21.67 23.23 -17.10
N MET A 370 -20.55 22.55 -16.87
CA MET A 370 -19.81 22.69 -15.59
C MET A 370 -18.38 22.99 -16.00
N GLU A 371 -17.72 23.92 -15.31
CA GLU A 371 -16.35 24.27 -15.67
C GLU A 371 -15.42 23.24 -15.08
N LEU A 372 -15.07 22.21 -15.85
CA LEU A 372 -14.19 21.15 -15.40
C LEU A 372 -12.71 21.52 -15.61
N ALA A 373 -11.96 21.58 -14.52
CA ALA A 373 -10.58 22.06 -14.49
C ALA A 373 -9.68 20.98 -13.90
N LYS A 374 -8.63 20.60 -14.64
CA LYS A 374 -7.71 19.55 -14.22
C LYS A 374 -7.02 19.88 -12.90
N ILE A 375 -6.64 18.82 -12.20
CA ILE A 375 -5.95 18.91 -10.92
C ILE A 375 -4.51 18.49 -11.16
N LYS A 376 -3.57 19.42 -10.92
CA LYS A 376 -2.15 19.12 -11.01
C LYS A 376 -1.74 18.33 -9.79
N GLN A 377 -1.16 17.13 -10.01
CA GLN A 377 -1.03 16.17 -8.92
C GLN A 377 0.23 16.41 -8.07
N LYS A 378 0.99 17.48 -8.36
CA LYS A 378 2.20 17.84 -7.62
C LYS A 378 1.83 18.30 -6.21
N CYS A 379 2.34 17.66 -5.22
CA CYS A 379 1.97 17.97 -3.82
C CYS A 379 3.27 18.02 -2.96
N PRO A 380 3.72 19.27 -2.72
CA PRO A 380 4.89 19.41 -1.80
C PRO A 380 4.48 19.27 -0.35
N LEU A 381 5.23 18.45 0.38
CA LEU A 381 5.00 18.24 1.81
C LEU A 381 5.85 19.22 2.63
N TYR A 382 5.34 19.63 3.78
CA TYR A 382 6.00 20.60 4.63
C TYR A 382 5.88 20.10 6.06
N GLU A 383 7.00 19.92 6.75
CA GLU A 383 6.91 19.32 8.08
C GLU A 383 6.36 20.33 9.07
N ALA A 384 6.24 19.89 10.32
CA ALA A 384 5.64 20.76 11.33
C ALA A 384 6.49 21.99 11.60
N ASN A 385 7.82 21.90 11.36
CA ASN A 385 8.71 23.05 11.49
C ASN A 385 8.27 24.19 10.58
N GLY A 386 7.82 23.87 9.37
CA GLY A 386 7.30 24.86 8.45
C GLY A 386 7.98 24.79 7.09
N GLN A 387 8.80 23.77 6.85
CA GLN A 387 9.70 23.86 5.71
C GLN A 387 9.76 22.53 4.97
N ALA A 388 10.06 22.64 3.68
CA ALA A 388 9.75 21.59 2.73
C ALA A 388 10.51 20.30 3.03
N VAL A 389 9.90 19.18 2.67
CA VAL A 389 10.67 17.94 2.66
C VAL A 389 11.61 17.96 1.46
N PRO A 390 12.89 17.63 1.63
CA PRO A 390 13.81 17.55 0.49
C PRO A 390 13.44 16.39 -0.42
N LYS A 391 13.53 16.65 -1.74
CA LYS A 391 13.14 15.70 -2.79
C LYS A 391 13.73 14.30 -2.59
N GLU A 392 14.89 14.21 -1.90
CA GLU A 392 15.60 12.99 -1.57
C GLU A 392 14.69 12.10 -0.69
N LYS A 393 13.94 12.73 0.26
CA LYS A 393 13.08 12.09 1.25
C LYS A 393 11.65 11.90 0.73
N ASP A 394 11.05 12.99 0.22
CA ASP A 394 9.76 12.92 -0.42
C ASP A 394 9.67 11.77 -1.41
N GLU A 395 10.78 11.42 -2.04
CA GLU A 395 10.78 10.30 -2.96
C GLU A 395 11.14 9.00 -2.28
N MET A 396 12.01 9.02 -1.24
CA MET A 396 12.23 7.79 -0.48
C MET A 396 10.94 7.28 0.10
N VAL A 397 10.30 8.11 0.94
CA VAL A 397 9.15 7.69 1.73
C VAL A 397 7.98 7.31 0.83
N GLU A 398 7.68 8.14 -0.17
CA GLU A 398 6.62 7.78 -1.11
C GLU A 398 6.84 6.39 -1.70
N GLN A 399 8.04 6.11 -2.25
CA GLN A 399 8.34 4.75 -2.72
C GLN A 399 8.17 3.72 -1.61
N GLU A 400 8.42 4.12 -0.36
CA GLU A 400 8.35 3.12 0.70
C GLU A 400 6.89 2.86 1.07
N PHE A 401 6.10 3.93 1.13
CA PHE A 401 4.66 3.82 1.23
C PHE A 401 4.10 2.86 0.19
N ASN A 402 4.41 3.10 -1.10
CA ASN A 402 3.89 2.23 -2.15
C ASN A 402 4.37 0.80 -2.01
N ARG A 403 5.59 0.60 -1.51
CA ARG A 403 6.12 -0.74 -1.36
C ARG A 403 5.48 -1.44 -0.17
N LEU A 404 5.22 -0.68 0.90
CA LEU A 404 4.50 -1.21 2.05
C LEU A 404 3.08 -1.62 1.68
N LEU A 405 2.40 -0.80 0.87
CA LEU A 405 1.07 -1.16 0.40
C LEU A 405 1.10 -2.48 -0.37
N GLU A 406 1.94 -2.55 -1.42
CA GLU A 406 2.09 -3.78 -2.18
C GLU A 406 2.47 -4.96 -1.28
N ALA A 407 3.19 -4.70 -0.19
CA ALA A 407 3.56 -5.77 0.73
C ALA A 407 2.33 -6.35 1.44
N THR A 408 1.36 -5.50 1.81
CA THR A 408 0.13 -6.03 2.42
C THR A 408 -0.66 -6.87 1.43
N SER A 409 -0.65 -6.46 0.15
CA SER A 409 -1.32 -7.26 -0.88
C SER A 409 -0.73 -8.64 -0.95
N TYR A 410 0.61 -8.74 -0.84
CA TYR A 410 1.30 -10.03 -0.79
C TYR A 410 0.87 -10.83 0.44
N LEU A 411 0.89 -10.21 1.64
CA LEU A 411 0.37 -10.88 2.83
C LEU A 411 -1.04 -11.42 2.63
N SER A 412 -1.89 -10.66 1.93
CA SER A 412 -3.29 -11.08 1.79
C SER A 412 -3.43 -12.23 0.81
N HIS A 413 -3.02 -12.02 -0.45
CA HIS A 413 -3.34 -12.95 -1.53
C HIS A 413 -2.33 -14.10 -1.68
N GLN A 414 -1.15 -13.98 -1.08
CA GLN A 414 -0.15 -15.02 -1.19
C GLN A 414 0.15 -15.79 0.09
N LEU A 415 -0.11 -15.22 1.28
CA LEU A 415 0.14 -15.98 2.51
C LEU A 415 -1.15 -16.25 3.28
N ASP A 416 -2.32 -15.88 2.71
CA ASP A 416 -3.64 -16.00 3.36
C ASP A 416 -3.63 -15.45 4.78
N PHE A 417 -3.00 -14.28 4.96
CA PHE A 417 -2.98 -13.59 6.25
C PHE A 417 -4.26 -12.76 6.34
N ASN A 418 -5.37 -13.44 6.61
CA ASN A 418 -6.65 -12.75 6.66
C ASN A 418 -7.46 -12.98 7.92
N VAL A 419 -6.96 -13.76 8.89
CA VAL A 419 -7.62 -13.91 10.20
C VAL A 419 -6.56 -13.88 11.32
N LEU A 420 -6.91 -13.24 12.44
CA LEU A 420 -6.11 -13.22 13.67
C LEU A 420 -7.03 -13.30 14.87
N ASN A 421 -6.92 -14.40 15.63
CA ASN A 421 -7.71 -14.62 16.85
C ASN A 421 -9.20 -14.63 16.53
N ASN A 422 -9.56 -15.32 15.44
CA ASN A 422 -10.92 -15.51 14.95
C ASN A 422 -11.53 -14.25 14.32
N LYS A 423 -10.83 -13.04 14.40
CA LYS A 423 -11.25 -11.75 13.86
C LYS A 423 -10.60 -11.50 12.51
N PRO A 424 -11.23 -10.73 11.61
CA PRO A 424 -10.64 -10.50 10.29
C PRO A 424 -9.61 -9.37 10.33
N VAL A 425 -8.58 -9.54 9.53
CA VAL A 425 -7.45 -8.63 9.55
C VAL A 425 -7.79 -7.37 8.78
N SER A 426 -7.34 -6.23 9.30
CA SER A 426 -7.53 -4.96 8.63
C SER A 426 -6.26 -4.52 7.90
N LEU A 427 -6.40 -3.47 7.09
CA LEU A 427 -5.25 -2.94 6.38
C LEU A 427 -4.24 -2.38 7.35
N GLY A 428 -4.72 -1.69 8.39
CA GLY A 428 -3.82 -1.12 9.39
C GLY A 428 -2.97 -2.15 10.12
N GLN A 429 -3.59 -3.22 10.62
CA GLN A 429 -2.81 -4.31 11.21
C GLN A 429 -1.79 -4.85 10.21
N ALA A 430 -2.20 -5.06 8.96
CA ALA A 430 -1.28 -5.64 7.99
C ALA A 430 -0.09 -4.72 7.70
N LEU A 431 -0.33 -3.42 7.55
CA LEU A 431 0.76 -2.44 7.40
C LEU A 431 1.70 -2.45 8.59
N GLU A 432 1.15 -2.59 9.79
CA GLU A 432 1.96 -2.60 11.00
C GLU A 432 2.79 -3.86 11.08
N VAL A 433 2.21 -5.02 10.74
CA VAL A 433 3.01 -6.24 10.68
C VAL A 433 4.11 -6.13 9.64
N VAL A 434 3.78 -5.61 8.46
CA VAL A 434 4.81 -5.46 7.44
C VAL A 434 5.90 -4.50 7.91
N ILE A 435 5.53 -3.43 8.62
CA ILE A 435 6.56 -2.51 9.12
C ILE A 435 7.44 -3.20 10.15
N GLN A 436 6.82 -3.90 11.10
CA GLN A 436 7.59 -4.62 12.11
C GLN A 436 8.59 -5.59 11.47
N LEU A 437 8.16 -6.36 10.46
CA LEU A 437 9.07 -7.29 9.80
C LEU A 437 10.18 -6.60 9.00
N GLN A 438 9.99 -5.34 8.59
CA GLN A 438 11.12 -4.63 7.99
C GLN A 438 12.08 -4.15 9.07
N GLU A 439 11.53 -3.68 10.20
CA GLU A 439 12.37 -3.38 11.35
C GLU A 439 13.12 -4.62 11.84
N LYS A 440 12.44 -5.78 11.90
CA LYS A 440 13.11 -7.02 12.29
C LYS A 440 14.28 -7.31 11.37
N HIS A 441 14.05 -7.25 10.05
CA HIS A 441 15.10 -7.57 9.10
C HIS A 441 16.28 -6.61 9.22
N VAL A 442 16.08 -5.36 9.64
CA VAL A 442 17.22 -4.47 9.86
C VAL A 442 18.08 -4.97 11.01
N LYS A 443 17.45 -5.35 12.12
CA LYS A 443 18.19 -5.89 13.26
C LYS A 443 18.83 -7.23 12.91
N ASP A 444 18.14 -8.07 12.12
CA ASP A 444 18.72 -9.34 11.68
C ASP A 444 19.99 -9.13 10.86
N GLU A 445 20.09 -7.99 10.16
CA GLU A 445 21.25 -7.69 9.31
C GLU A 445 22.44 -7.22 10.13
N GLN A 446 22.20 -6.28 11.04
CA GLN A 446 23.25 -5.85 11.95
C GLN A 446 23.80 -7.02 12.77
N ILE A 447 22.91 -7.91 13.24
CA ILE A 447 23.39 -9.11 13.93
C ILE A 447 24.41 -9.87 13.07
N GLU A 448 23.98 -10.39 11.91
CA GLU A 448 24.92 -11.26 11.22
C GLU A 448 26.10 -10.51 10.61
N HIS A 449 26.09 -9.17 10.60
CA HIS A 449 27.26 -8.40 10.16
C HIS A 449 28.30 -8.32 11.26
N TRP A 450 27.91 -7.82 12.45
CA TRP A 450 28.83 -7.81 13.58
C TRP A 450 29.22 -9.22 14.03
N LYS A 451 28.38 -10.21 13.74
CA LYS A 451 28.82 -11.58 14.03
C LYS A 451 29.88 -12.09 13.04
N LYS A 452 30.05 -11.39 11.94
CA LYS A 452 31.15 -11.63 11.05
C LYS A 452 32.36 -10.87 11.51
N ILE A 453 32.19 -9.74 12.20
CA ILE A 453 33.37 -9.09 12.75
C ILE A 453 33.97 -9.92 13.88
N VAL A 454 33.14 -10.49 14.76
CA VAL A 454 33.68 -11.37 15.81
C VAL A 454 34.32 -12.62 15.21
N LYS A 455 33.63 -13.29 14.28
CA LYS A 455 34.21 -14.52 13.73
C LYS A 455 35.60 -14.27 13.18
N THR A 456 35.86 -13.05 12.71
CA THR A 456 37.16 -12.67 12.20
C THR A 456 38.01 -11.96 13.24
N GLN A 457 37.40 -11.27 14.20
CA GLN A 457 38.17 -10.70 15.31
C GLN A 457 38.69 -11.77 16.28
N GLU A 458 38.11 -12.97 16.30
CA GLU A 458 38.65 -14.03 17.13
C GLU A 458 39.59 -14.95 16.39
N GLU A 459 39.35 -15.17 15.10
CA GLU A 459 40.35 -15.79 14.26
C GLU A 459 41.66 -15.00 14.32
N LEU A 460 41.57 -13.69 14.56
CA LEU A 460 42.75 -12.88 14.84
C LEU A 460 43.33 -13.22 16.21
N LYS A 461 42.49 -13.22 17.25
CA LYS A 461 42.92 -13.60 18.59
C LYS A 461 43.75 -14.90 18.56
N GLU A 462 43.27 -15.93 17.87
CA GLU A 462 44.08 -17.14 17.81
C GLU A 462 45.39 -16.93 17.08
N LEU A 463 45.40 -16.04 16.10
CA LEU A 463 46.63 -15.85 15.33
C LEU A 463 47.66 -15.04 16.11
N LEU A 464 47.23 -14.07 16.92
CA LEU A 464 48.17 -13.39 17.80
C LEU A 464 48.71 -14.34 18.87
N ASN A 465 47.91 -15.28 19.35
CA ASN A 465 48.39 -16.21 20.38
C ASN A 465 49.45 -17.14 19.82
N LYS A 466 49.28 -17.61 18.58
CA LYS A 466 50.38 -18.34 17.95
C LYS A 466 51.59 -17.45 17.68
N MET A 467 51.43 -16.13 17.64
CA MET A 467 52.56 -15.25 17.39
C MET A 467 53.26 -14.73 18.65
N VAL A 468 52.57 -14.69 19.80
CA VAL A 468 53.32 -14.51 21.03
C VAL A 468 54.15 -15.76 21.31
N ASN A 469 53.51 -16.94 21.26
CA ASN A 469 54.21 -18.18 21.59
C ASN A 469 55.29 -18.53 20.58
N LEU A 470 55.21 -18.01 19.37
CA LEU A 470 56.29 -18.25 18.43
C LEU A 470 57.42 -17.25 18.62
N LYS A 471 57.10 -16.01 19.00
CA LYS A 471 58.15 -15.04 19.30
C LYS A 471 58.90 -15.42 20.57
N GLU A 472 58.20 -15.90 21.60
CA GLU A 472 58.90 -16.35 22.80
C GLU A 472 59.78 -17.55 22.53
N LYS A 473 59.43 -18.38 21.52
CA LYS A 473 60.28 -19.49 21.13
C LYS A 473 61.47 -19.03 20.28
N ILE A 474 61.32 -17.96 19.52
CA ILE A 474 62.46 -17.43 18.79
C ILE A 474 63.36 -16.57 19.70
N LYS A 475 62.80 -15.94 20.74
CA LYS A 475 63.63 -15.31 21.76
C LYS A 475 64.60 -16.31 22.36
N GLU A 476 64.16 -17.54 22.56
CA GLU A 476 64.90 -18.55 23.29
C GLU A 476 65.83 -19.37 22.40
N LEU A 477 65.45 -19.65 21.14
CA LEU A 477 66.39 -20.28 20.21
C LEU A 477 67.55 -19.37 19.86
N HIS A 478 67.29 -18.08 19.69
CA HIS A 478 68.37 -17.16 19.38
C HIS A 478 69.40 -17.12 20.49
N GLN A 479 68.95 -17.12 21.75
CA GLN A 479 69.88 -17.21 22.87
C GLN A 479 70.70 -18.49 22.78
N GLN A 480 70.04 -19.61 22.49
CA GLN A 480 70.77 -20.87 22.38
C GLN A 480 71.77 -20.84 21.23
N TYR A 481 71.44 -20.18 20.11
CA TYR A 481 72.37 -20.11 19.01
C TYR A 481 73.52 -19.16 19.30
N LYS A 482 73.28 -18.07 20.04
CA LYS A 482 74.42 -17.24 20.43
C LYS A 482 75.40 -18.03 21.30
N GLU A 483 74.89 -18.66 22.38
CA GLU A 483 75.72 -19.47 23.26
C GLU A 483 76.52 -20.56 22.53
N ALA A 484 75.92 -21.15 21.51
CA ALA A 484 76.61 -22.25 20.82
C ALA A 484 77.57 -21.66 19.83
N SER A 485 77.27 -20.46 19.35
CA SER A 485 78.20 -19.78 18.42
C SER A 485 79.43 -19.31 19.19
N GLU A 486 79.24 -18.97 20.45
CA GLU A 486 80.30 -18.48 21.36
C GLU A 486 81.36 -19.55 21.59
N VAL A 487 81.02 -20.83 21.55
CA VAL A 487 82.11 -21.80 21.77
C VAL A 487 83.00 -21.63 20.57
N LYS A 488 84.18 -21.07 20.78
CA LYS A 488 85.08 -20.74 19.67
C LYS A 488 85.63 -22.02 19.06
N PRO A 489 85.96 -21.96 17.76
CA PRO A 489 86.47 -23.06 16.98
C PRO A 489 87.96 -23.27 17.21
N PRO A 490 88.61 -24.33 16.67
CA PRO A 490 87.98 -25.45 16.00
C PRO A 490 87.32 -26.32 17.06
N ARG A 491 86.10 -26.74 16.76
CA ARG A 491 85.34 -27.52 17.75
C ARG A 491 85.14 -28.92 17.22
N ASP A 492 84.61 -29.79 18.07
CA ASP A 492 84.31 -31.15 17.64
C ASP A 492 82.96 -31.13 16.92
N ILE A 493 82.63 -32.22 16.24
CA ILE A 493 81.55 -32.09 15.26
C ILE A 493 80.17 -31.99 15.90
N THR A 494 79.97 -32.51 17.12
CA THR A 494 78.68 -32.32 17.79
C THR A 494 78.43 -30.86 18.13
N ALA A 495 79.47 -30.09 18.47
CA ALA A 495 79.30 -28.66 18.70
C ALA A 495 79.16 -27.85 17.41
N GLU A 496 79.68 -28.37 16.28
CA GLU A 496 79.37 -27.76 14.99
C GLU A 496 77.94 -28.09 14.58
N PHE A 497 77.48 -29.31 14.88
CA PHE A 497 76.09 -29.66 14.64
C PHE A 497 75.16 -28.73 15.39
N LEU A 498 75.52 -28.36 16.62
CA LEU A 498 74.64 -27.54 17.42
C LEU A 498 74.49 -26.13 16.85
N VAL A 499 75.54 -25.58 16.23
CA VAL A 499 75.41 -24.27 15.59
C VAL A 499 74.53 -24.39 14.35
N LYS A 500 74.88 -25.32 13.45
CA LYS A 500 74.08 -25.60 12.25
C LYS A 500 72.61 -25.89 12.57
N SER A 501 72.37 -26.84 13.49
CA SER A 501 71.03 -27.20 13.93
C SER A 501 70.24 -25.97 14.36
N LYS A 502 70.69 -25.28 15.42
CA LYS A 502 69.94 -24.14 15.94
C LYS A 502 69.72 -23.07 14.89
N HIS A 503 70.62 -22.94 13.91
CA HIS A 503 70.41 -21.95 12.85
C HIS A 503 69.27 -22.38 11.93
N ARG A 504 69.23 -23.65 11.56
CA ARG A 504 68.10 -24.15 10.78
C ARG A 504 66.80 -24.01 11.56
N ASP A 505 66.79 -24.48 12.81
CA ASP A 505 65.60 -24.40 13.65
C ASP A 505 65.13 -22.97 13.84
N LEU A 506 66.03 -22.01 13.92
CA LEU A 506 65.59 -20.63 14.12
C LEU A 506 65.06 -20.02 12.84
N THR A 507 65.63 -20.34 11.67
CA THR A 507 65.06 -19.78 10.44
C THR A 507 63.74 -20.46 10.07
N ALA A 508 63.53 -21.72 10.50
CA ALA A 508 62.26 -22.41 10.27
C ALA A 508 61.12 -21.74 11.05
N LEU A 509 61.37 -21.37 12.28
CA LEU A 509 60.42 -20.59 13.06
C LEU A 509 60.35 -19.13 12.61
N CYS A 510 61.41 -18.60 12.01
CA CYS A 510 61.30 -17.24 11.48
C CYS A 510 60.49 -17.22 10.20
N LYS A 511 60.55 -18.29 9.42
CA LYS A 511 59.70 -18.41 8.25
C LYS A 511 58.23 -18.54 8.67
N GLU A 512 57.96 -19.41 9.65
CA GLU A 512 56.61 -19.61 10.16
C GLU A 512 55.99 -18.34 10.74
N TYR A 513 56.77 -17.55 11.50
CA TYR A 513 56.27 -16.29 12.04
C TYR A 513 56.00 -15.25 10.95
N ASP A 514 56.68 -15.35 9.81
CA ASP A 514 56.42 -14.40 8.74
C ASP A 514 55.13 -14.73 7.98
N GLU A 515 54.86 -16.02 7.77
CA GLU A 515 53.62 -16.46 7.14
C GLU A 515 52.41 -16.18 8.01
N LEU A 516 52.64 -16.07 9.32
CA LEU A 516 51.55 -15.68 10.23
C LEU A 516 51.59 -14.16 10.34
N ALA A 517 52.20 -13.49 9.38
CA ALA A 517 52.23 -12.02 9.46
C ALA A 517 51.49 -11.52 8.23
N GLU A 518 51.58 -12.27 7.14
CA GLU A 518 50.78 -11.93 5.95
C GLU A 518 49.36 -12.12 6.43
N THR A 519 49.10 -13.31 6.95
CA THR A 519 47.77 -13.67 7.49
C THR A 519 47.31 -12.62 8.51
N GLN A 520 48.19 -12.10 9.34
CA GLN A 520 47.66 -11.09 10.26
C GLN A 520 47.29 -9.87 9.44
N GLY A 521 48.00 -9.63 8.35
CA GLY A 521 47.67 -8.44 7.56
C GLY A 521 46.32 -8.59 6.91
N LYS A 522 46.12 -9.72 6.25
CA LYS A 522 44.84 -10.00 5.55
C LYS A 522 43.68 -9.79 6.51
N LEU A 523 43.74 -10.37 7.70
CA LEU A 523 42.62 -10.21 8.67
C LEU A 523 42.54 -8.76 9.14
N GLU A 524 43.64 -8.04 9.22
CA GLU A 524 43.51 -6.66 9.74
C GLU A 524 42.84 -5.74 8.71
N GLU A 525 42.81 -6.14 7.45
CA GLU A 525 42.19 -5.27 6.43
C GLU A 525 40.71 -5.63 6.35
N LYS A 526 40.39 -6.91 6.39
CA LYS A 526 39.00 -7.39 6.35
C LYS A 526 38.20 -6.66 7.43
N LEU A 527 38.71 -6.64 8.65
CA LEU A 527 38.05 -5.87 9.74
C LEU A 527 37.96 -4.37 9.39
N GLN A 528 38.93 -3.81 8.68
CA GLN A 528 38.76 -2.40 8.29
C GLN A 528 37.68 -2.34 7.22
N GLU A 529 37.62 -3.33 6.35
CA GLU A 529 36.59 -3.31 5.29
C GLU A 529 35.22 -3.49 5.95
N LEU A 530 35.02 -4.63 6.61
CA LEU A 530 33.73 -4.97 7.26
C LEU A 530 33.27 -3.84 8.15
N GLU A 531 34.13 -3.27 8.97
CA GLU A 531 33.62 -2.20 9.84
C GLU A 531 33.31 -0.92 9.06
N ALA A 532 33.90 -0.70 7.89
CA ALA A 532 33.59 0.52 7.12
C ALA A 532 32.42 0.30 6.16
N ASN A 533 31.83 -0.89 6.19
CA ASN A 533 30.66 -1.18 5.31
C ASN A 533 29.51 -1.67 6.17
N PRO A 534 29.01 -0.90 7.15
CA PRO A 534 27.96 -1.40 8.00
C PRO A 534 26.66 -1.27 7.24
N PRO A 535 25.62 -2.02 7.61
CA PRO A 535 24.35 -1.94 6.95
C PRO A 535 23.50 -0.86 7.60
N SER A 536 22.27 -0.71 7.11
CA SER A 536 21.35 0.34 7.60
C SER A 536 21.19 0.28 9.11
N ASP A 537 21.23 1.44 9.74
CA ASP A 537 21.14 1.57 11.20
C ASP A 537 19.68 1.50 11.65
N VAL A 538 18.76 2.05 10.87
CA VAL A 538 17.31 2.05 11.21
C VAL A 538 16.50 1.75 9.96
N TYR A 539 15.27 1.29 10.15
CA TYR A 539 14.38 1.07 8.98
C TYR A 539 13.88 2.43 8.57
N LEU A 540 13.30 3.14 9.51
CA LEU A 540 12.80 4.50 9.21
C LEU A 540 13.09 5.37 10.41
N SER A 541 13.58 6.58 10.17
CA SER A 541 13.85 7.46 11.31
C SER A 541 12.56 8.13 11.75
N SER A 542 12.58 8.79 12.90
CA SER A 542 11.37 9.49 13.38
C SER A 542 10.90 10.53 12.38
N ARG A 543 11.82 11.25 11.74
CA ARG A 543 11.38 12.17 10.69
C ARG A 543 10.76 11.34 9.57
N ASP A 544 11.41 10.24 9.20
CA ASP A 544 10.85 9.43 8.11
C ASP A 544 9.45 8.95 8.45
N ARG A 545 9.26 8.26 9.57
CA ARG A 545 7.92 7.73 9.91
C ARG A 545 6.88 8.85 9.92
N GLN A 546 7.25 10.05 10.31
CA GLN A 546 6.29 11.16 10.28
C GLN A 546 5.86 11.46 8.85
N ILE A 547 6.78 11.49 7.91
CA ILE A 547 6.41 11.71 6.51
C ILE A 547 5.62 10.51 5.97
N LEU A 548 5.94 9.30 6.45
CA LEU A 548 5.16 8.13 6.06
C LEU A 548 3.75 8.21 6.61
N ASP A 549 3.57 8.81 7.78
CA ASP A 549 2.23 8.98 8.30
C ASP A 549 1.39 9.89 7.43
N TRP A 550 2.01 10.84 6.75
CA TRP A 550 1.21 11.70 5.89
C TRP A 550 0.63 10.91 4.73
N HIS A 551 1.45 10.04 4.12
CA HIS A 551 0.96 9.17 3.07
C HIS A 551 -0.13 8.23 3.58
N PHE A 552 -0.08 7.84 4.86
CA PHE A 552 -1.17 7.09 5.45
C PHE A 552 -2.38 7.99 5.70
N ALA A 553 -2.16 9.24 6.10
CA ALA A 553 -3.28 10.18 6.23
C ALA A 553 -3.96 10.41 4.89
N ASN A 554 -3.16 10.52 3.82
CA ASN A 554 -3.74 10.66 2.49
C ASN A 554 -4.66 9.48 2.17
N LEU A 555 -4.26 8.28 2.59
CA LEU A 555 -5.03 7.08 2.26
C LEU A 555 -6.26 6.96 3.16
N GLU A 556 -6.16 7.43 4.40
CA GLU A 556 -7.33 7.51 5.25
C GLU A 556 -8.31 8.56 4.72
N PHE A 557 -7.79 9.67 4.21
CA PHE A 557 -8.56 10.63 3.44
C PHE A 557 -9.32 10.01 2.26
N ALA A 558 -8.64 9.24 1.40
CA ALA A 558 -9.33 8.73 0.22
C ALA A 558 -10.48 7.79 0.60
N ASN A 559 -10.25 6.90 1.55
CA ASN A 559 -11.20 5.92 1.98
C ASN A 559 -12.07 6.41 3.13
N ALA A 560 -11.96 7.69 3.47
CA ALA A 560 -12.69 8.30 4.58
C ALA A 560 -12.79 7.46 5.86
N THR A 561 -11.72 6.81 6.30
CA THR A 561 -11.78 6.02 7.53
C THR A 561 -10.38 5.63 8.01
N PRO A 562 -10.19 5.43 9.32
CA PRO A 562 -8.90 4.91 9.81
C PRO A 562 -8.52 3.58 9.17
N LEU A 563 -7.24 3.45 8.79
CA LEU A 563 -6.82 2.19 8.16
C LEU A 563 -7.09 0.96 9.04
N SER A 564 -7.32 1.15 10.33
CA SER A 564 -7.56 -0.01 11.19
C SER A 564 -8.94 -0.61 10.99
N THR A 565 -9.83 0.09 10.27
CA THR A 565 -11.17 -0.37 9.96
C THR A 565 -11.32 -0.98 8.56
N LEU A 566 -10.44 -0.66 7.60
CA LEU A 566 -10.53 -1.20 6.24
C LEU A 566 -10.22 -2.69 6.22
N SER A 567 -11.01 -3.45 5.46
CA SER A 567 -10.71 -4.86 5.26
C SER A 567 -9.42 -5.01 4.47
N LEU A 568 -8.50 -5.87 4.94
CA LEU A 568 -7.27 -6.08 4.19
C LEU A 568 -7.56 -6.75 2.86
N LYS A 569 -8.35 -7.82 2.86
CA LYS A 569 -8.62 -8.53 1.63
C LYS A 569 -9.30 -7.62 0.60
N HIS A 570 -10.26 -6.79 1.03
CA HIS A 570 -11.25 -6.26 0.10
C HIS A 570 -11.27 -4.73 -0.07
N TRP A 571 -10.43 -3.98 0.63
CA TRP A 571 -10.59 -2.52 0.65
C TRP A 571 -10.43 -1.87 -0.72
N ASP A 572 -9.73 -2.52 -1.65
CA ASP A 572 -9.47 -1.95 -2.96
C ASP A 572 -10.17 -2.71 -4.08
N GLN A 573 -11.20 -3.49 -3.74
CA GLN A 573 -11.89 -4.35 -4.70
C GLN A 573 -12.53 -3.58 -5.85
N ASP A 574 -12.80 -2.28 -5.68
CA ASP A 574 -13.32 -1.44 -6.75
C ASP A 574 -12.21 -0.81 -7.62
N ASP A 575 -10.95 -1.19 -7.41
CA ASP A 575 -9.86 -0.52 -8.13
C ASP A 575 -9.81 -0.94 -9.60
N ASP A 576 -10.23 -2.16 -9.93
CA ASP A 576 -10.21 -2.59 -11.32
C ASP A 576 -11.11 -1.75 -12.22
N PHE A 577 -12.09 -1.04 -11.67
CA PHE A 577 -13.05 -0.30 -12.47
C PHE A 577 -12.77 1.18 -12.44
N GLU A 578 -11.53 1.56 -12.14
CA GLU A 578 -11.18 2.97 -12.04
C GLU A 578 -11.29 3.60 -13.42
N PHE A 579 -11.70 4.84 -13.46
CA PHE A 579 -11.82 5.48 -14.75
C PHE A 579 -10.44 5.90 -15.25
N THR A 580 -10.33 6.17 -16.55
CA THR A 580 -9.10 6.71 -17.11
C THR A 580 -9.17 8.22 -17.19
N GLY A 581 -7.99 8.86 -17.11
CA GLY A 581 -7.83 10.27 -17.38
C GLY A 581 -7.64 11.09 -16.12
N SER A 582 -7.64 12.39 -16.34
CA SER A 582 -7.29 13.35 -15.31
C SER A 582 -8.47 13.56 -14.35
N HIS A 583 -8.16 13.59 -13.06
CA HIS A 583 -9.15 13.97 -12.07
C HIS A 583 -9.39 15.47 -12.13
N LEU A 584 -10.67 15.86 -12.07
CA LEU A 584 -11.09 17.24 -12.34
C LEU A 584 -11.85 17.80 -11.15
N THR A 585 -12.04 19.10 -11.14
CA THR A 585 -12.87 19.75 -10.15
C THR A 585 -13.89 20.57 -10.90
N VAL A 586 -14.86 21.11 -10.16
CA VAL A 586 -15.94 21.90 -10.72
C VAL A 586 -15.76 23.33 -10.22
N ARG A 587 -15.39 24.20 -11.15
CA ARG A 587 -15.11 25.58 -10.74
C ARG A 587 -16.40 26.29 -10.35
N ASN A 588 -17.57 25.84 -10.80
CA ASN A 588 -18.81 26.59 -10.45
C ASN A 588 -19.53 25.94 -9.26
N GLY A 589 -18.91 24.95 -8.64
CA GLY A 589 -19.56 24.30 -7.49
C GLY A 589 -20.26 23.04 -7.95
N TYR A 590 -20.14 21.94 -7.23
CA TYR A 590 -20.75 20.68 -7.72
C TYR A 590 -22.28 20.74 -7.63
N SER A 591 -22.84 21.59 -6.78
CA SER A 591 -24.29 21.84 -6.63
C SER A 591 -24.99 21.99 -7.97
N CYS A 592 -24.42 22.65 -8.97
CA CYS A 592 -25.04 22.77 -10.30
C CYS A 592 -25.50 21.43 -10.88
N VAL A 593 -24.82 20.31 -10.67
CA VAL A 593 -25.31 19.03 -11.24
C VAL A 593 -26.69 18.68 -10.70
N PRO A 594 -26.88 18.40 -9.41
CA PRO A 594 -28.17 18.06 -8.88
C PRO A 594 -29.25 19.09 -9.24
N VAL A 595 -28.99 20.34 -8.88
CA VAL A 595 -29.91 21.46 -9.15
C VAL A 595 -30.38 21.38 -10.57
N ALA A 596 -29.52 20.93 -11.45
CA ALA A 596 -29.93 20.78 -12.85
C ALA A 596 -30.83 19.56 -13.05
N LEU A 597 -30.57 18.48 -12.30
CA LEU A 597 -31.38 17.27 -12.42
C LEU A 597 -32.76 17.45 -11.80
N ALA A 598 -32.85 18.24 -10.73
CA ALA A 598 -34.10 18.53 -10.03
C ALA A 598 -35.11 19.30 -10.89
N GLU A 599 -34.69 19.85 -12.02
CA GLU A 599 -35.61 20.63 -12.85
C GLU A 599 -36.65 19.71 -13.48
N GLY A 600 -37.92 20.00 -13.22
CA GLY A 600 -39.02 19.26 -13.78
C GLY A 600 -39.64 18.25 -12.85
N LEU A 601 -39.28 18.27 -11.57
CA LEU A 601 -39.53 17.15 -10.67
C LEU A 601 -40.26 17.64 -9.44
N ASP A 602 -41.07 16.76 -8.88
CA ASP A 602 -41.88 17.12 -7.73
C ASP A 602 -41.06 16.82 -6.49
N ILE A 603 -40.55 17.86 -5.83
CA ILE A 603 -39.63 17.69 -4.72
C ILE A 603 -40.21 18.40 -3.50
N LYS A 604 -40.51 17.63 -2.46
CA LYS A 604 -40.96 18.19 -1.18
C LYS A 604 -39.73 18.40 -0.32
N LEU A 605 -39.31 19.66 -0.12
CA LEU A 605 -38.18 19.94 0.76
C LEU A 605 -38.65 20.11 2.19
N ASN A 606 -37.72 20.03 3.12
CA ASN A 606 -38.03 20.09 4.55
C ASN A 606 -39.05 19.05 4.96
N THR A 607 -39.01 17.89 4.32
CA THR A 607 -39.96 16.80 4.51
C THR A 607 -39.12 15.62 5.00
N ALA A 608 -39.13 15.32 6.29
CA ALA A 608 -38.27 14.29 6.86
C ALA A 608 -39.04 12.98 7.01
N VAL A 609 -38.73 11.99 6.16
CA VAL A 609 -39.37 10.69 6.31
C VAL A 609 -39.10 10.13 7.70
N ARG A 610 -40.13 9.55 8.30
CA ARG A 610 -40.01 9.05 9.65
C ARG A 610 -40.40 7.58 9.78
N GLN A 611 -41.24 7.07 8.89
CA GLN A 611 -41.62 5.66 8.91
C GLN A 611 -42.00 5.21 7.51
N VAL A 612 -41.63 3.97 7.15
CA VAL A 612 -41.92 3.43 5.83
C VAL A 612 -42.73 2.16 6.01
N ARG A 613 -43.93 2.15 5.45
CA ARG A 613 -44.88 1.06 5.58
C ARG A 613 -45.06 0.44 4.22
N TYR A 614 -44.73 -0.84 4.08
CA TYR A 614 -44.88 -1.52 2.80
C TYR A 614 -45.65 -2.83 3.05
N THR A 615 -46.69 -3.07 2.24
CA THR A 615 -47.50 -4.27 2.38
C THR A 615 -47.76 -4.86 1.01
N ALA A 616 -48.47 -5.99 1.00
CA ALA A 616 -48.73 -6.71 -0.24
C ALA A 616 -49.52 -5.91 -1.26
N SER A 617 -50.15 -4.81 -0.86
CA SER A 617 -51.03 -4.09 -1.75
C SER A 617 -50.57 -2.67 -2.05
N GLY A 618 -49.53 -2.19 -1.36
CA GLY A 618 -48.92 -0.90 -1.63
C GLY A 618 -48.17 -0.38 -0.40
N CYS A 619 -47.77 0.88 -0.48
CA CYS A 619 -46.95 1.48 0.58
C CYS A 619 -47.48 2.84 0.96
N GLU A 620 -47.28 3.16 2.23
CA GLU A 620 -47.41 4.53 2.72
C GLU A 620 -46.11 4.94 3.44
N VAL A 621 -45.59 6.11 3.03
CA VAL A 621 -44.46 6.78 3.68
C VAL A 621 -45.02 7.91 4.54
N ILE A 622 -44.55 8.00 5.79
CA ILE A 622 -45.04 8.97 6.76
C ILE A 622 -43.90 9.94 7.09
N ALA A 623 -44.01 11.19 6.65
CA ALA A 623 -42.99 12.22 6.90
C ALA A 623 -43.52 13.35 7.79
N VAL A 624 -42.61 14.12 8.35
CA VAL A 624 -43.00 15.33 9.13
C VAL A 624 -42.30 16.54 8.54
N ASN A 625 -42.66 17.74 9.00
CA ASN A 625 -42.04 18.99 8.52
C ASN A 625 -40.83 19.27 9.40
N THR A 626 -39.69 19.59 8.81
CA THR A 626 -38.50 19.84 9.64
C THR A 626 -38.67 21.10 10.49
N ARG A 627 -39.27 22.15 9.94
CA ARG A 627 -39.39 23.37 10.75
C ARG A 627 -40.22 23.07 12.00
N SER A 628 -41.39 22.47 11.82
CA SER A 628 -42.25 22.12 12.98
C SER A 628 -42.56 20.65 12.86
N THR A 629 -42.08 19.84 13.78
CA THR A 629 -42.28 18.38 13.65
C THR A 629 -43.74 18.01 13.93
N SER A 630 -44.62 18.99 14.04
CA SER A 630 -46.00 18.56 14.29
C SER A 630 -46.73 18.25 13.01
N GLN A 631 -46.41 18.96 11.93
CA GLN A 631 -47.12 18.87 10.68
C GLN A 631 -46.80 17.53 9.99
N THR A 632 -47.73 16.57 10.10
CA THR A 632 -47.52 15.20 9.65
C THR A 632 -48.12 14.97 8.26
N PHE A 633 -47.38 14.24 7.42
CA PHE A 633 -47.77 13.94 6.03
C PHE A 633 -47.78 12.43 5.74
N ILE A 634 -48.72 12.01 4.91
CA ILE A 634 -48.90 10.62 4.51
C ILE A 634 -48.85 10.54 2.99
N TYR A 635 -47.98 9.68 2.46
CA TYR A 635 -47.82 9.53 1.02
C TYR A 635 -48.03 8.08 0.64
N LYS A 636 -48.94 7.83 -0.31
CA LYS A 636 -49.29 6.48 -0.70
C LYS A 636 -48.75 6.21 -2.08
N CYS A 637 -48.29 4.98 -2.31
CA CYS A 637 -47.56 4.72 -3.54
C CYS A 637 -47.50 3.22 -3.76
N ASP A 638 -47.27 2.87 -5.03
CA ASP A 638 -47.02 1.48 -5.37
C ASP A 638 -45.64 0.99 -4.92
N ALA A 639 -44.65 1.89 -4.85
CA ALA A 639 -43.26 1.54 -4.49
C ALA A 639 -42.57 2.71 -3.80
N VAL A 640 -41.65 2.37 -2.89
CA VAL A 640 -40.73 3.33 -2.26
C VAL A 640 -39.29 3.04 -2.74
N LEU A 641 -38.58 4.09 -3.19
CA LEU A 641 -37.13 4.01 -3.45
C LEU A 641 -36.39 4.67 -2.29
N CYS A 642 -35.75 3.87 -1.45
CA CYS A 642 -34.97 4.40 -0.34
C CYS A 642 -33.56 4.81 -0.82
N THR A 643 -33.20 6.10 -0.72
CA THR A 643 -31.79 6.47 -0.95
C THR A 643 -31.21 7.10 0.32
N LEU A 644 -31.75 6.73 1.46
CA LEU A 644 -31.20 7.13 2.74
C LEU A 644 -29.72 6.77 2.81
N PRO A 645 -28.86 7.67 3.24
CA PRO A 645 -27.44 7.35 3.40
C PRO A 645 -27.23 6.18 4.34
N LEU A 646 -26.13 5.44 4.12
CA LEU A 646 -25.90 4.25 4.94
C LEU A 646 -25.77 4.59 6.41
N GLY A 647 -25.35 5.81 6.76
CA GLY A 647 -25.26 6.19 8.15
C GLY A 647 -26.58 6.52 8.80
N VAL A 648 -27.58 6.90 7.99
CA VAL A 648 -28.93 7.04 8.49
C VAL A 648 -29.52 5.65 8.77
N LEU A 649 -29.45 4.74 7.79
CA LEU A 649 -29.85 3.36 8.00
C LEU A 649 -29.15 2.73 9.21
N LYS A 650 -27.95 3.21 9.57
CA LYS A 650 -27.17 2.58 10.64
C LYS A 650 -27.59 3.10 12.00
N GLN A 651 -28.30 4.23 12.03
CA GLN A 651 -28.56 4.99 13.24
C GLN A 651 -29.32 4.15 14.25
N GLN A 652 -28.78 4.06 15.48
CA GLN A 652 -29.52 3.45 16.58
C GLN A 652 -29.60 4.43 17.75
N PRO A 653 -30.80 4.85 18.19
CA PRO A 653 -32.12 4.37 17.74
C PRO A 653 -32.51 4.94 16.38
N PRO A 654 -33.36 4.22 15.66
CA PRO A 654 -33.66 4.58 14.27
C PRO A 654 -34.14 6.01 14.09
N ALA A 655 -33.68 6.65 13.02
CA ALA A 655 -34.31 7.88 12.53
C ALA A 655 -35.49 7.58 11.65
N VAL A 656 -35.55 6.36 11.08
CA VAL A 656 -36.61 5.91 10.19
C VAL A 656 -36.96 4.48 10.58
N GLN A 657 -38.25 4.23 10.77
CA GLN A 657 -38.73 2.91 11.17
C GLN A 657 -39.33 2.21 9.97
N PHE A 658 -39.02 0.92 9.82
CA PHE A 658 -39.58 0.16 8.71
C PHE A 658 -40.68 -0.77 9.22
N VAL A 659 -41.83 -0.72 8.57
CA VAL A 659 -42.98 -1.51 8.98
C VAL A 659 -43.46 -2.35 7.80
N PRO A 660 -43.25 -3.68 7.82
CA PRO A 660 -42.56 -4.47 8.86
C PRO A 660 -41.04 -4.24 8.84
N PRO A 661 -40.37 -4.57 9.94
CA PRO A 661 -38.91 -4.30 10.00
C PRO A 661 -38.16 -4.96 8.85
N LEU A 662 -36.97 -4.43 8.53
CA LEU A 662 -36.15 -4.99 7.49
C LEU A 662 -35.65 -6.38 7.92
N PRO A 663 -35.57 -7.35 7.00
CA PRO A 663 -35.14 -8.69 7.38
C PRO A 663 -33.69 -8.68 7.81
N GLU A 664 -33.26 -9.75 8.51
CA GLU A 664 -31.93 -9.65 9.09
C GLU A 664 -30.86 -9.69 7.99
N TRP A 665 -31.12 -10.31 6.83
CA TRP A 665 -30.09 -10.32 5.80
C TRP A 665 -29.77 -8.90 5.36
N LYS A 666 -30.73 -7.99 5.45
CA LYS A 666 -30.47 -6.58 5.13
C LYS A 666 -29.93 -5.80 6.32
N THR A 667 -30.43 -6.02 7.54
CA THR A 667 -29.90 -5.25 8.66
C THR A 667 -28.48 -5.69 8.99
N SER A 668 -28.16 -6.97 8.79
CA SER A 668 -26.79 -7.44 8.99
C SER A 668 -25.82 -6.83 7.99
N ALA A 669 -26.25 -6.66 6.73
CA ALA A 669 -25.39 -5.93 5.81
C ALA A 669 -25.17 -4.52 6.30
N VAL A 670 -26.21 -3.89 6.86
CA VAL A 670 -26.09 -2.52 7.34
C VAL A 670 -25.09 -2.42 8.51
N GLN A 671 -25.05 -3.43 9.38
CA GLN A 671 -24.08 -3.35 10.47
C GLN A 671 -22.67 -3.65 9.98
N ARG A 672 -22.53 -4.62 9.08
CA ARG A 672 -21.20 -5.02 8.63
C ARG A 672 -20.51 -3.94 7.82
N MET A 673 -21.25 -3.26 6.94
CA MET A 673 -20.60 -2.27 6.11
C MET A 673 -19.99 -1.14 6.94
N GLY A 674 -19.08 -0.40 6.33
CA GLY A 674 -18.47 0.75 6.98
C GLY A 674 -19.03 2.00 6.44
N PHE A 675 -19.23 2.99 7.32
CA PHE A 675 -19.60 4.34 6.92
C PHE A 675 -18.59 5.28 7.51
N GLY A 676 -17.75 5.86 6.65
CA GLY A 676 -16.63 6.65 7.10
C GLY A 676 -16.94 8.12 7.30
N ASN A 677 -15.87 8.88 7.47
CA ASN A 677 -15.96 10.29 7.83
C ASN A 677 -14.70 11.02 7.37
N LEU A 678 -14.87 12.29 7.06
CA LEU A 678 -13.99 13.15 6.26
C LEU A 678 -14.54 14.57 6.30
N ASN A 679 -13.78 15.58 6.73
CA ASN A 679 -14.33 16.93 6.83
C ASN A 679 -13.45 17.94 6.11
N LYS A 680 -14.05 19.08 5.75
CA LYS A 680 -13.32 20.16 5.07
C LYS A 680 -13.40 21.45 5.87
N VAL A 681 -12.32 22.24 5.79
CA VAL A 681 -12.31 23.64 6.27
C VAL A 681 -12.12 24.53 5.05
N VAL A 682 -13.11 25.36 4.77
CA VAL A 682 -13.00 26.33 3.67
C VAL A 682 -12.44 27.61 4.25
N LEU A 683 -11.34 28.11 3.66
CA LEU A 683 -10.66 29.33 4.10
C LEU A 683 -10.74 30.35 2.98
N CYS A 684 -11.49 31.44 3.22
CA CYS A 684 -11.81 32.45 2.21
C CYS A 684 -10.97 33.70 2.47
N PHE A 685 -10.06 34.00 1.56
CA PHE A 685 -9.14 35.10 1.70
C PHE A 685 -9.46 36.20 0.69
N ASP A 686 -8.91 37.40 0.94
CA ASP A 686 -8.99 38.51 -0.01
C ASP A 686 -7.90 38.49 -1.08
N ARG A 687 -6.84 37.70 -0.91
CA ARG A 687 -5.74 37.68 -1.87
C ARG A 687 -5.01 36.35 -1.85
N VAL A 688 -4.51 35.96 -3.00
CA VAL A 688 -3.72 34.73 -3.14
C VAL A 688 -2.32 34.96 -2.59
N PHE A 689 -1.93 34.17 -1.57
CA PHE A 689 -0.60 34.21 -0.97
C PHE A 689 0.13 32.88 -1.07
N TRP A 690 -0.33 31.97 -1.91
CA TRP A 690 0.26 30.64 -2.02
C TRP A 690 0.78 30.47 -3.45
N ASP A 691 1.42 29.35 -3.68
CA ASP A 691 1.87 29.14 -5.04
C ASP A 691 0.66 28.83 -5.94
N PRO A 692 0.30 29.71 -6.89
CA PRO A 692 -0.88 29.46 -7.72
C PRO A 692 -0.73 28.28 -8.66
N SER A 693 0.50 27.87 -8.94
CA SER A 693 0.78 26.79 -9.88
C SER A 693 0.74 25.42 -9.24
N VAL A 694 0.54 25.36 -7.92
CA VAL A 694 0.38 24.12 -7.19
C VAL A 694 -1.08 24.07 -6.75
N ASN A 695 -1.79 23.01 -7.12
CA ASN A 695 -3.18 22.94 -6.70
C ASN A 695 -3.31 22.53 -5.24
N LEU A 696 -2.30 21.86 -4.70
CA LEU A 696 -2.45 21.22 -3.41
C LEU A 696 -1.09 20.96 -2.77
N PHE A 697 -1.07 21.04 -1.43
CA PHE A 697 0.17 20.86 -0.71
C PHE A 697 -0.12 20.36 0.69
N GLY A 698 0.83 19.62 1.26
CA GLY A 698 0.61 18.86 2.48
C GLY A 698 1.24 19.49 3.71
N HIS A 699 0.85 18.96 4.87
CA HIS A 699 1.37 19.36 6.17
C HIS A 699 1.57 18.10 6.97
N VAL A 700 2.81 17.85 7.38
CA VAL A 700 3.16 16.57 8.00
C VAL A 700 2.92 16.66 9.50
N GLY A 701 2.29 15.64 10.06
CA GLY A 701 1.86 15.73 11.43
C GLY A 701 2.97 15.39 12.41
N SER A 702 2.91 16.02 13.57
CA SER A 702 3.89 15.80 14.64
C SER A 702 3.78 14.40 15.24
N THR A 703 2.63 13.76 15.12
CA THR A 703 2.40 12.46 15.72
C THR A 703 1.58 11.60 14.77
N THR A 704 1.63 10.28 15.02
CA THR A 704 0.75 9.35 14.32
C THR A 704 -0.72 9.66 14.59
N ALA A 705 -1.06 9.87 15.87
CA ALA A 705 -2.45 10.08 16.25
C ALA A 705 -3.09 11.28 15.55
N SER A 706 -2.28 12.24 15.15
CA SER A 706 -2.87 13.42 14.50
C SER A 706 -2.36 13.51 13.08
N ARG A 707 -2.21 12.39 12.41
CA ARG A 707 -1.66 12.44 11.04
C ARG A 707 -2.66 13.08 10.08
N GLY A 708 -3.95 12.96 10.34
CA GLY A 708 -4.94 13.54 9.42
C GLY A 708 -5.40 14.91 9.86
N GLU A 709 -4.91 15.42 10.98
CA GLU A 709 -5.39 16.75 11.38
C GLU A 709 -4.88 17.80 10.42
N LEU A 710 -5.74 18.27 9.53
CA LEU A 710 -5.40 19.31 8.54
C LEU A 710 -4.10 18.97 7.83
N PHE A 711 -4.03 17.77 7.28
CA PHE A 711 -2.77 17.33 6.65
C PHE A 711 -2.73 17.70 5.18
N LEU A 712 -3.69 18.44 4.65
CA LEU A 712 -3.62 18.69 3.20
C LEU A 712 -4.37 19.97 2.87
N PHE A 713 -3.90 20.71 1.88
CA PHE A 713 -4.48 22.00 1.46
C PHE A 713 -4.78 21.99 -0.03
N TRP A 714 -5.97 22.43 -0.42
CA TRP A 714 -6.33 22.45 -1.85
C TRP A 714 -6.51 23.89 -2.29
N ASN A 715 -6.04 24.18 -3.49
CA ASN A 715 -6.23 25.51 -4.10
C ASN A 715 -6.65 25.19 -5.52
N LEU A 716 -7.93 25.30 -5.82
CA LEU A 716 -8.38 24.97 -7.18
C LEU A 716 -9.25 26.09 -7.68
N TYR A 717 -9.86 26.80 -6.76
CA TYR A 717 -10.78 27.85 -7.25
C TYR A 717 -9.96 28.99 -7.84
N LYS A 718 -10.59 29.67 -8.80
CA LYS A 718 -9.98 30.86 -9.44
C LYS A 718 -9.71 31.86 -8.33
N ALA A 719 -10.70 32.09 -7.46
CA ALA A 719 -10.60 33.03 -6.32
C ALA A 719 -9.65 32.53 -5.23
N PRO A 720 -9.38 33.37 -4.23
CA PRO A 720 -8.46 33.01 -3.19
C PRO A 720 -9.16 32.13 -2.17
N ILE A 721 -9.23 30.84 -2.44
CA ILE A 721 -9.87 29.94 -1.45
C ILE A 721 -8.96 28.75 -1.23
N LEU A 722 -8.64 28.46 0.02
CA LEU A 722 -7.80 27.31 0.33
C LEU A 722 -8.65 26.34 1.13
N LEU A 723 -8.66 25.06 0.77
CA LEU A 723 -9.44 24.07 1.52
C LEU A 723 -8.46 23.25 2.32
N ALA A 724 -8.80 22.92 3.55
CA ALA A 724 -7.94 22.08 4.41
C ALA A 724 -8.73 20.84 4.76
N LEU A 725 -8.13 19.67 4.63
CA LEU A 725 -8.86 18.43 4.90
C LEU A 725 -8.55 17.93 6.29
N VAL A 726 -9.48 17.20 6.86
CA VAL A 726 -9.35 16.48 8.14
C VAL A 726 -9.69 15.02 7.86
N ALA A 727 -8.69 14.14 7.90
CA ALA A 727 -8.88 12.73 7.57
C ALA A 727 -8.71 11.86 8.82
N GLY A 728 -8.89 10.55 8.63
CA GLY A 728 -8.54 9.54 9.62
C GLY A 728 -9.22 9.74 10.96
N GLU A 729 -8.53 9.29 12.03
CA GLU A 729 -9.08 9.42 13.38
C GLU A 729 -9.28 10.87 13.78
N ALA A 730 -8.59 11.81 13.13
CA ALA A 730 -8.76 13.21 13.45
C ALA A 730 -10.15 13.72 13.08
N ALA A 731 -10.79 13.14 12.06
CA ALA A 731 -12.01 13.73 11.51
C ALA A 731 -13.14 13.72 12.54
N GLY A 732 -13.33 12.58 13.21
CA GLY A 732 -14.37 12.47 14.21
C GLY A 732 -14.07 13.19 15.51
N ILE A 733 -12.82 13.54 15.76
CA ILE A 733 -12.45 14.26 16.97
C ILE A 733 -12.52 15.78 16.75
N MET A 734 -12.12 16.27 15.57
CA MET A 734 -12.26 17.71 15.32
C MET A 734 -13.71 18.18 15.21
N GLU A 735 -14.69 17.29 15.34
CA GLU A 735 -16.06 17.76 15.34
C GLU A 735 -16.53 18.19 16.73
N ASN A 736 -15.72 17.98 17.77
CA ASN A 736 -15.96 18.47 19.12
C ASN A 736 -15.15 19.73 19.45
N ILE A 737 -14.79 20.51 18.44
CA ILE A 737 -13.90 21.65 18.61
C ILE A 737 -14.41 22.77 17.73
N SER A 738 -14.52 23.98 18.30
CA SER A 738 -15.22 25.09 17.66
C SER A 738 -14.56 25.51 16.36
N ASP A 739 -15.34 26.20 15.51
CA ASP A 739 -14.81 26.66 14.22
C ASP A 739 -13.60 27.55 14.43
N ASP A 740 -13.67 28.46 15.41
CA ASP A 740 -12.59 29.42 15.62
C ASP A 740 -11.29 28.72 16.00
N VAL A 741 -11.35 27.75 16.91
CA VAL A 741 -10.16 26.98 17.23
C VAL A 741 -9.62 26.25 16.00
N ILE A 742 -10.51 25.64 15.19
CA ILE A 742 -10.08 24.97 13.95
C ILE A 742 -9.45 25.96 12.98
N VAL A 743 -10.14 27.08 12.69
CA VAL A 743 -9.57 28.04 11.76
C VAL A 743 -8.24 28.57 12.31
N GLY A 744 -8.14 28.58 13.63
CA GLY A 744 -6.92 29.05 14.29
C GLY A 744 -5.76 28.14 13.95
N ARG A 745 -5.94 26.85 14.16
CA ARG A 745 -4.85 25.90 13.85
C ARG A 745 -4.47 26.01 12.37
N CYS A 746 -5.43 26.11 11.47
CA CYS A 746 -5.10 26.21 10.04
C CYS A 746 -4.19 27.41 9.80
N LEU A 747 -4.56 28.55 10.35
CA LEU A 747 -3.75 29.77 10.16
C LEU A 747 -2.34 29.53 10.65
N ALA A 748 -2.21 28.97 11.84
CA ALA A 748 -0.88 28.67 12.41
C ALA A 748 -0.08 27.88 11.39
N ILE A 749 -0.63 26.77 10.91
CA ILE A 749 0.11 25.91 9.95
C ILE A 749 0.49 26.74 8.74
N LEU A 750 -0.45 27.50 8.23
CA LEU A 750 -0.14 28.30 7.03
C LEU A 750 0.90 29.34 7.39
N LYS A 751 0.84 29.87 8.62
CA LYS A 751 1.85 30.89 8.96
C LYS A 751 3.22 30.24 8.90
N GLY A 752 3.37 29.06 9.47
CA GLY A 752 4.70 28.43 9.41
C GLY A 752 5.11 28.17 7.98
N ILE A 753 4.22 27.65 7.15
CA ILE A 753 4.66 27.37 5.77
C ILE A 753 4.93 28.66 5.00
N PHE A 754 4.11 29.69 5.18
CA PHE A 754 4.31 30.86 4.28
C PHE A 754 4.86 32.09 4.98
N GLY A 755 5.14 32.02 6.27
CA GLY A 755 5.63 33.25 6.91
C GLY A 755 4.49 33.92 7.63
N SER A 756 4.74 34.36 8.85
CA SER A 756 3.72 34.93 9.76
C SER A 756 3.06 36.20 9.22
N SER A 757 3.72 36.96 8.38
CA SER A 757 3.07 38.20 7.89
C SER A 757 2.44 37.98 6.52
N ALA A 758 2.53 36.78 5.95
CA ALA A 758 2.00 36.65 4.58
C ALA A 758 0.57 36.10 4.56
N VAL A 759 0.00 35.77 5.71
CA VAL A 759 -1.37 35.19 5.70
C VAL A 759 -2.27 36.04 6.55
N PRO A 760 -3.29 36.68 5.98
CA PRO A 760 -4.19 37.54 6.72
C PRO A 760 -5.33 36.76 7.34
N GLN A 761 -6.21 37.40 8.10
CA GLN A 761 -7.33 36.62 8.63
C GLN A 761 -8.26 36.34 7.47
N PRO A 762 -8.86 35.15 7.37
CA PRO A 762 -9.75 34.83 6.27
C PRO A 762 -11.02 35.68 6.34
N LYS A 763 -11.59 35.99 5.19
CA LYS A 763 -12.80 36.84 5.19
C LYS A 763 -14.01 36.03 5.66
N GLU A 764 -14.15 34.80 5.15
CA GLU A 764 -15.27 33.90 5.51
C GLU A 764 -14.71 32.50 5.77
N THR A 765 -15.26 31.81 6.77
CA THR A 765 -14.84 30.42 7.10
C THR A 765 -16.06 29.55 7.32
N VAL A 766 -15.94 28.28 6.94
CA VAL A 766 -16.95 27.22 6.98
C VAL A 766 -16.26 25.91 7.32
N VAL A 767 -16.71 25.25 8.40
CA VAL A 767 -16.17 23.95 8.80
C VAL A 767 -17.28 22.91 8.74
N SER A 768 -17.06 21.85 7.95
CA SER A 768 -18.04 20.78 7.81
C SER A 768 -17.96 19.81 8.98
N ARG A 769 -19.12 19.16 9.28
CA ARG A 769 -19.22 18.10 10.30
C ARG A 769 -20.19 17.02 9.78
N TRP A 770 -19.66 16.10 8.99
CA TRP A 770 -20.54 15.16 8.30
C TRP A 770 -21.03 14.07 9.24
N ARG A 771 -20.24 13.69 10.24
CA ARG A 771 -20.77 12.71 11.18
C ARG A 771 -21.90 13.32 12.03
N ALA A 772 -21.81 14.61 12.31
CA ALA A 772 -22.85 15.26 13.08
C ALA A 772 -24.14 15.41 12.27
N ASP A 773 -23.95 15.69 10.98
CA ASP A 773 -25.11 15.90 10.08
C ASP A 773 -26.06 14.74 10.22
N PRO A 774 -27.28 14.97 10.68
CA PRO A 774 -28.24 13.91 10.89
C PRO A 774 -28.84 13.35 9.61
N TRP A 775 -28.68 14.03 8.49
CA TRP A 775 -29.17 13.51 7.21
C TRP A 775 -28.04 12.82 6.47
N ALA A 776 -26.90 12.64 7.12
CA ALA A 776 -25.78 11.92 6.51
C ALA A 776 -25.21 10.94 7.51
N ARG A 777 -24.82 11.43 8.67
CA ARG A 777 -24.17 10.66 9.76
C ARG A 777 -22.88 10.03 9.26
N GLY A 778 -22.12 10.73 8.43
CA GLY A 778 -20.87 10.22 7.86
C GLY A 778 -20.63 10.80 6.49
N SER A 779 -19.55 10.44 5.82
CA SER A 779 -19.33 11.03 4.48
C SER A 779 -19.64 10.01 3.41
N TYR A 780 -19.02 8.84 3.44
CA TYR A 780 -19.33 7.80 2.45
C TYR A 780 -18.92 6.44 2.97
N SER A 781 -19.23 5.40 2.23
CA SER A 781 -19.00 4.06 2.71
C SER A 781 -17.58 3.62 2.39
N TYR A 782 -17.18 2.51 3.02
CA TYR A 782 -15.87 1.92 2.88
C TYR A 782 -16.05 0.44 3.18
N VAL A 783 -15.18 -0.41 2.62
CA VAL A 783 -15.32 -1.86 2.82
C VAL A 783 -14.68 -2.19 4.16
N ALA A 784 -15.50 -2.34 5.20
CA ALA A 784 -15.02 -2.58 6.56
C ALA A 784 -14.44 -3.98 6.67
N ALA A 785 -13.52 -4.14 7.63
CA ALA A 785 -13.02 -5.48 7.94
C ALA A 785 -14.21 -6.33 8.38
N GLY A 786 -14.29 -7.54 7.85
CA GLY A 786 -15.44 -8.38 8.13
C GLY A 786 -16.60 -8.19 7.19
N SER A 787 -16.49 -7.23 6.26
CA SER A 787 -17.43 -7.00 5.19
C SER A 787 -16.79 -7.53 3.92
N SER A 788 -17.43 -7.25 2.81
CA SER A 788 -16.95 -7.63 1.46
C SER A 788 -17.74 -6.86 0.44
N GLY A 789 -17.53 -7.16 -0.82
CA GLY A 789 -18.30 -6.46 -1.85
C GLY A 789 -19.67 -7.05 -1.97
N ASN A 790 -19.86 -8.26 -1.51
CA ASN A 790 -21.16 -8.95 -1.57
C ASN A 790 -22.19 -8.22 -0.71
N ASP A 791 -21.79 -7.53 0.37
CA ASP A 791 -22.70 -6.75 1.24
C ASP A 791 -23.29 -5.59 0.44
N TYR A 792 -22.56 -5.04 -0.51
CA TYR A 792 -23.12 -3.97 -1.37
C TYR A 792 -24.20 -4.54 -2.30
N ASP A 793 -24.15 -5.82 -2.63
CA ASP A 793 -25.23 -6.37 -3.48
C ASP A 793 -26.42 -6.57 -2.57
N LEU A 794 -26.19 -7.09 -1.39
CA LEU A 794 -27.25 -7.20 -0.40
C LEU A 794 -27.96 -5.87 -0.22
N MET A 795 -27.22 -4.77 -0.09
CA MET A 795 -27.91 -3.48 0.08
C MET A 795 -28.77 -3.12 -1.10
N ALA A 796 -28.50 -3.70 -2.27
CA ALA A 796 -29.24 -3.29 -3.45
C ALA A 796 -30.51 -4.12 -3.66
N GLN A 797 -30.67 -5.26 -2.98
CA GLN A 797 -31.80 -6.14 -3.28
C GLN A 797 -33.08 -5.51 -2.77
N PRO A 798 -34.16 -5.50 -3.57
CA PRO A 798 -35.44 -4.96 -3.08
C PRO A 798 -36.02 -5.84 -2.00
N ILE A 799 -37.02 -5.31 -1.32
CA ILE A 799 -37.71 -6.11 -0.27
C ILE A 799 -39.12 -6.41 -0.73
N THR A 800 -39.56 -7.64 -0.55
CA THR A 800 -40.92 -8.02 -0.96
C THR A 800 -41.66 -8.39 0.31
N PRO A 801 -42.78 -7.73 0.60
CA PRO A 801 -43.53 -8.01 1.80
C PRO A 801 -44.32 -9.31 1.70
N GLY A 802 -44.76 -9.84 2.83
CA GLY A 802 -45.54 -11.07 2.87
C GLY A 802 -46.97 -10.84 2.42
N PRO A 803 -47.73 -11.88 2.08
CA PRO A 803 -49.08 -11.68 1.62
C PRO A 803 -49.99 -11.18 2.74
N SER A 804 -50.93 -10.31 2.40
CA SER A 804 -51.90 -9.74 3.37
C SER A 804 -52.78 -10.86 3.92
N ILE A 805 -53.26 -11.71 3.04
CA ILE A 805 -54.14 -12.83 3.42
C ILE A 805 -53.31 -14.08 3.31
N PRO A 806 -53.23 -14.98 4.30
CA PRO A 806 -52.42 -16.17 4.14
C PRO A 806 -52.98 -17.01 2.99
N GLY A 807 -52.09 -17.58 2.20
CA GLY A 807 -52.49 -18.39 1.04
C GLY A 807 -52.61 -17.56 -0.20
N ALA A 808 -52.41 -16.26 -0.10
CA ALA A 808 -52.47 -15.43 -1.31
C ALA A 808 -51.14 -15.61 -2.03
N PRO A 809 -51.09 -15.37 -3.36
CA PRO A 809 -49.89 -15.55 -4.12
C PRO A 809 -48.82 -14.52 -3.74
N GLN A 810 -47.58 -14.89 -3.95
CA GLN A 810 -46.43 -14.04 -3.57
C GLN A 810 -46.56 -12.68 -4.25
N PRO A 811 -46.40 -11.60 -3.49
CA PRO A 811 -46.52 -10.27 -4.04
C PRO A 811 -45.28 -9.80 -4.78
N ILE A 812 -45.44 -8.64 -5.38
CA ILE A 812 -44.44 -7.85 -6.11
C ILE A 812 -43.49 -7.23 -5.08
N PRO A 813 -42.24 -6.89 -5.42
CA PRO A 813 -41.36 -6.23 -4.49
C PRO A 813 -41.86 -4.80 -4.35
N ARG A 814 -41.71 -4.20 -3.18
CA ARG A 814 -42.27 -2.84 -2.99
C ARG A 814 -41.24 -1.84 -2.51
N LEU A 815 -40.21 -2.28 -1.81
CA LEU A 815 -39.21 -1.36 -1.24
C LEU A 815 -37.86 -1.58 -1.93
N PHE A 816 -37.39 -0.55 -2.64
CA PHE A 816 -36.16 -0.58 -3.43
C PHE A 816 -35.08 0.33 -2.84
N PHE A 817 -33.80 -0.01 -3.09
CA PHE A 817 -32.70 0.74 -2.48
C PHE A 817 -31.71 1.24 -3.52
N ALA A 818 -31.23 2.44 -3.31
CA ALA A 818 -30.22 3.05 -4.19
C ALA A 818 -29.29 3.91 -3.36
N GLY A 819 -28.26 4.46 -3.98
CA GLY A 819 -27.32 5.28 -3.20
C GLY A 819 -25.91 4.77 -3.37
N GLU A 820 -24.92 5.48 -2.85
CA GLU A 820 -23.52 5.04 -3.04
C GLU A 820 -23.19 3.73 -2.36
N HIS A 821 -23.93 3.31 -1.33
CA HIS A 821 -23.63 2.03 -0.67
C HIS A 821 -24.37 0.88 -1.32
N THR A 822 -24.92 1.04 -2.51
CA THR A 822 -25.64 -0.08 -3.14
C THR A 822 -24.98 -0.44 -4.45
N ILE A 823 -23.93 0.25 -4.83
CA ILE A 823 -23.28 -0.07 -6.12
C ILE A 823 -21.87 -0.58 -5.83
N ARG A 824 -21.73 -1.89 -5.79
CA ARG A 824 -20.50 -2.60 -5.40
C ARG A 824 -19.29 -2.24 -6.25
N ASN A 825 -19.45 -1.91 -7.52
CA ASN A 825 -18.24 -1.68 -8.32
C ASN A 825 -17.86 -0.21 -8.35
N TYR A 826 -18.74 0.67 -7.93
CA TYR A 826 -18.42 2.12 -7.98
C TYR A 826 -18.95 2.79 -6.72
N PRO A 827 -18.67 2.27 -5.52
CA PRO A 827 -19.19 2.85 -4.31
C PRO A 827 -18.49 4.10 -3.85
N ALA A 828 -19.11 4.77 -2.89
CA ALA A 828 -18.61 5.99 -2.24
C ALA A 828 -18.28 7.08 -3.23
N THR A 829 -19.03 7.25 -4.30
CA THR A 829 -18.72 8.35 -5.24
C THR A 829 -20.01 8.93 -5.78
N VAL A 830 -19.92 9.99 -6.54
CA VAL A 830 -21.09 10.56 -7.20
C VAL A 830 -21.48 9.72 -8.39
N HIS A 831 -20.52 9.38 -9.26
CA HIS A 831 -20.88 8.59 -10.43
C HIS A 831 -21.55 7.28 -10.03
N GLY A 832 -21.20 6.75 -8.86
CA GLY A 832 -21.80 5.49 -8.44
C GLY A 832 -23.19 5.67 -7.86
N ALA A 833 -23.44 6.79 -7.21
CA ALA A 833 -24.81 7.12 -6.80
C ALA A 833 -25.70 7.19 -8.03
N LEU A 834 -25.36 8.09 -8.95
CA LEU A 834 -26.11 8.25 -10.19
C LEU A 834 -26.37 6.93 -10.88
N LEU A 835 -25.33 6.12 -11.05
CA LEU A 835 -25.51 4.83 -11.70
C LEU A 835 -26.53 3.97 -10.96
N SER A 836 -26.59 4.06 -9.62
CA SER A 836 -27.54 3.21 -8.90
C SER A 836 -28.97 3.73 -9.05
N GLY A 837 -29.14 5.05 -9.05
CA GLY A 837 -30.44 5.62 -9.42
C GLY A 837 -30.93 5.11 -10.77
N LEU A 838 -30.05 5.12 -11.77
CA LEU A 838 -30.44 4.60 -13.08
C LEU A 838 -30.77 3.12 -13.02
N ARG A 839 -30.06 2.38 -12.16
CA ARG A 839 -30.32 0.96 -12.00
C ARG A 839 -31.74 0.73 -11.45
N GLU A 840 -32.05 1.30 -10.28
CA GLU A 840 -33.35 1.04 -9.69
C GLU A 840 -34.48 1.55 -10.58
N ALA A 841 -34.30 2.67 -11.27
CA ALA A 841 -35.37 3.14 -12.14
C ALA A 841 -35.66 2.13 -13.25
N GLY A 842 -34.63 1.48 -13.77
CA GLY A 842 -34.88 0.43 -14.73
C GLY A 842 -35.55 -0.76 -14.08
N ARG A 843 -35.22 -1.00 -12.83
CA ARG A 843 -35.76 -2.20 -12.18
C ARG A 843 -37.20 -1.91 -11.78
N ILE A 844 -37.47 -0.70 -11.33
CA ILE A 844 -38.87 -0.41 -10.96
C ILE A 844 -39.73 -0.43 -12.20
N ALA A 845 -39.27 0.18 -13.28
CA ALA A 845 -40.09 0.24 -14.50
C ALA A 845 -40.38 -1.16 -15.01
N ASP A 846 -39.39 -2.04 -14.99
CA ASP A 846 -39.61 -3.42 -15.47
C ASP A 846 -40.67 -4.09 -14.60
N GLN A 847 -40.64 -3.85 -13.30
CA GLN A 847 -41.62 -4.41 -12.36
C GLN A 847 -43.01 -3.83 -12.57
N PHE A 848 -43.12 -2.53 -12.77
CA PHE A 848 -44.48 -1.93 -12.79
C PHE A 848 -44.94 -1.49 -14.17
N LEU A 849 -44.08 -1.43 -15.15
CA LEU A 849 -44.57 -1.04 -16.48
C LEU A 849 -44.41 -2.20 -17.44
N GLY A 850 -43.68 -3.22 -17.03
CA GLY A 850 -43.46 -4.42 -17.85
C GLY A 850 -42.26 -4.29 -18.76
N ALA A 851 -41.60 -5.39 -19.03
CA ALA A 851 -40.43 -5.35 -19.93
C ALA A 851 -40.83 -6.07 -21.21
N MET A 852 -41.09 -5.35 -22.27
CA MET A 852 -41.61 -6.06 -23.46
C MET A 852 -40.47 -6.37 -24.42
N TYR A 853 -39.24 -6.31 -23.93
CA TYR A 853 -38.07 -6.56 -24.82
C TYR A 853 -37.35 -7.86 -24.45
N THR A 854 -38.00 -8.76 -23.73
CA THR A 854 -37.40 -10.05 -23.38
C THR A 854 -37.88 -11.20 -24.28
N LEU A 855 -38.87 -10.97 -25.15
CA LEU A 855 -39.35 -11.98 -26.10
C LEU A 855 -38.37 -12.19 -27.28
N ARG B 12 3.63 -13.50 -6.95
CA ARG B 12 4.29 -14.78 -6.65
C ARG B 12 5.44 -14.57 -5.66
N LYS B 13 5.94 -13.34 -5.63
CA LYS B 13 7.07 -12.96 -4.73
C LYS B 13 6.83 -11.55 -4.23
N PRO B 14 7.24 -11.20 -3.00
CA PRO B 14 7.02 -9.89 -2.45
C PRO B 14 7.87 -8.84 -3.13
N PRO B 15 7.57 -7.55 -2.95
CA PRO B 15 8.30 -6.49 -3.61
C PRO B 15 9.78 -6.49 -3.26
N LYS B 16 10.62 -6.07 -4.19
CA LYS B 16 12.07 -6.05 -3.88
C LYS B 16 12.29 -5.06 -2.75
N GLY B 17 13.15 -5.44 -1.80
CA GLY B 17 13.42 -4.56 -0.66
C GLY B 17 12.41 -4.77 0.46
N MET B 18 11.55 -5.78 0.32
CA MET B 18 10.58 -6.07 1.41
C MET B 18 10.84 -7.50 1.84
N PHE B 19 10.96 -7.74 3.13
CA PHE B 19 11.21 -9.12 3.55
C PHE B 19 10.01 -9.61 4.33
N LEU B 20 9.41 -10.69 3.86
CA LEU B 20 8.23 -11.26 4.52
C LEU B 20 8.34 -12.76 4.39
N SER B 21 8.23 -13.49 5.48
CA SER B 21 8.30 -14.96 5.38
C SER B 21 7.15 -15.52 6.19
N GLN B 22 6.57 -16.62 5.74
CA GLN B 22 5.42 -17.20 6.46
C GLN B 22 5.90 -17.48 7.87
N GLU B 23 7.16 -17.82 8.01
CA GLU B 23 7.73 -18.12 9.35
C GLU B 23 7.66 -16.88 10.24
N ASP B 24 8.36 -15.83 9.84
CA ASP B 24 8.43 -14.60 10.67
C ASP B 24 7.04 -14.08 11.02
N VAL B 25 6.13 -14.02 10.05
CA VAL B 25 4.79 -13.42 10.30
C VAL B 25 4.07 -14.09 11.47
N GLU B 26 4.16 -15.41 11.61
CA GLU B 26 3.44 -16.02 12.75
C GLU B 26 4.05 -15.51 14.05
N ALA B 27 5.38 -15.43 14.09
CA ALA B 27 6.14 -15.02 15.29
C ALA B 27 5.78 -13.62 15.78
N VAL B 28 5.40 -12.71 14.88
CA VAL B 28 5.09 -11.32 15.33
C VAL B 28 3.59 -11.17 15.54
N SER B 29 2.86 -12.27 15.61
CA SER B 29 1.38 -12.21 15.77
C SER B 29 0.90 -13.20 16.83
N ALA B 30 1.81 -13.87 17.53
CA ALA B 30 1.40 -14.88 18.51
C ALA B 30 0.64 -14.26 19.67
N ASN B 31 0.86 -12.97 19.95
CA ASN B 31 0.14 -12.28 21.01
C ASN B 31 0.24 -10.78 20.75
N ALA B 32 -0.25 -9.98 21.70
CA ALA B 32 -0.33 -8.53 21.50
C ALA B 32 1.06 -7.89 21.48
N THR B 33 1.98 -8.37 22.32
CA THR B 33 3.33 -7.84 22.38
C THR B 33 4.39 -8.75 21.75
N ALA B 34 4.00 -9.91 21.21
CA ALA B 34 4.99 -10.80 20.59
C ALA B 34 5.77 -10.08 19.50
N ALA B 35 5.17 -9.05 18.91
CA ALA B 35 5.93 -8.15 18.04
C ALA B 35 7.02 -7.44 18.84
N THR B 36 6.64 -6.73 19.91
CA THR B 36 7.61 -5.95 20.67
C THR B 36 8.62 -6.84 21.39
N THR B 37 8.22 -8.04 21.78
CA THR B 37 9.15 -9.04 22.31
C THR B 37 10.26 -9.36 21.31
N VAL B 38 9.91 -9.92 20.15
CA VAL B 38 10.93 -10.40 19.20
C VAL B 38 11.87 -9.28 18.79
N LEU B 39 11.42 -8.02 18.85
CA LEU B 39 12.28 -6.90 18.51
C LEU B 39 13.15 -6.42 19.66
N ARG B 40 12.87 -6.79 20.92
CA ARG B 40 13.85 -6.56 21.97
C ARG B 40 14.80 -7.74 22.13
N GLN B 41 14.36 -8.96 21.81
CA GLN B 41 15.28 -10.10 21.78
C GLN B 41 16.47 -9.84 20.86
N LEU B 42 16.25 -9.10 19.78
CA LEU B 42 17.30 -8.79 18.83
C LEU B 42 18.00 -7.47 19.13
N ASP B 43 17.33 -6.54 19.84
CA ASP B 43 18.01 -5.35 20.33
C ASP B 43 19.07 -5.71 21.36
N MET B 44 18.78 -6.69 22.22
CA MET B 44 19.68 -7.05 23.31
C MET B 44 20.75 -8.03 22.83
N GLU B 45 20.38 -8.92 21.91
CA GLU B 45 21.39 -9.72 21.19
C GLU B 45 22.34 -8.84 20.40
N LEU B 46 21.95 -7.62 20.06
CA LEU B 46 22.83 -6.80 19.26
C LEU B 46 23.84 -6.08 20.14
N VAL B 47 23.38 -5.56 21.28
CA VAL B 47 24.29 -5.07 22.33
C VAL B 47 25.21 -6.18 22.83
N SER B 48 24.66 -7.38 23.04
CA SER B 48 25.46 -8.51 23.50
C SER B 48 26.68 -8.74 22.60
N VAL B 49 26.50 -8.70 21.29
CA VAL B 49 27.61 -8.94 20.37
C VAL B 49 28.50 -7.71 20.24
N LYS B 50 27.96 -6.50 20.44
CA LYS B 50 28.80 -5.32 20.28
C LYS B 50 29.83 -5.22 21.40
N ARG B 51 29.42 -5.49 22.63
CA ARG B 51 30.41 -5.45 23.69
C ARG B 51 31.29 -6.71 23.71
N GLN B 52 30.86 -7.79 23.07
CA GLN B 52 31.78 -8.90 22.89
C GLN B 52 32.88 -8.53 21.90
N ILE B 53 32.58 -7.66 20.92
CA ILE B 53 33.63 -7.16 20.01
C ILE B 53 34.60 -6.25 20.76
N GLN B 54 34.08 -5.20 21.40
CA GLN B 54 34.99 -4.22 21.99
C GLN B 54 35.84 -4.84 23.10
N ASN B 55 35.52 -6.07 23.51
CA ASN B 55 36.22 -6.86 24.51
C ASN B 55 37.32 -7.72 23.91
N ILE B 56 37.06 -8.38 22.76
CA ILE B 56 38.08 -9.11 22.02
C ILE B 56 38.91 -8.17 21.16
N LYS B 57 38.45 -6.94 20.97
CA LYS B 57 39.25 -5.90 20.33
C LYS B 57 40.23 -5.28 21.32
N GLN B 58 39.97 -5.40 22.62
CA GLN B 58 40.90 -4.91 23.64
C GLN B 58 41.86 -5.99 24.12
N THR B 59 41.42 -7.25 24.17
CA THR B 59 42.35 -8.37 24.26
C THR B 59 43.37 -8.33 23.13
N ASN B 60 42.90 -8.19 21.88
CA ASN B 60 43.81 -8.22 20.73
C ASN B 60 44.70 -6.99 20.63
N SER B 61 44.32 -5.87 21.27
CA SER B 61 45.22 -4.72 21.29
C SER B 61 46.40 -4.95 22.23
N ALA B 62 46.17 -5.72 23.30
CA ALA B 62 47.24 -6.09 24.22
C ALA B 62 48.20 -7.11 23.58
N LEU B 63 47.65 -8.20 23.01
CA LEU B 63 48.48 -9.17 22.30
C LEU B 63 49.27 -8.53 21.17
N LYS B 64 48.69 -7.53 20.51
CA LYS B 64 49.39 -6.80 19.46
C LYS B 64 50.60 -6.06 20.02
N GLU B 65 50.56 -5.67 21.29
CA GLU B 65 51.65 -4.88 21.87
C GLU B 65 52.84 -5.75 22.25
N LYS B 66 52.59 -6.94 22.80
CA LYS B 66 53.67 -7.86 23.13
C LYS B 66 54.58 -8.15 21.95
N LEU B 67 54.09 -7.99 20.73
CA LEU B 67 54.86 -8.24 19.51
C LEU B 67 55.57 -6.99 18.99
N ASP B 68 56.00 -6.12 19.90
CA ASP B 68 56.61 -4.85 19.50
C ASP B 68 57.96 -5.08 18.83
N GLY B 69 58.16 -4.44 17.68
CA GLY B 69 59.40 -4.55 16.95
C GLY B 69 59.54 -5.87 16.20
N GLY B 70 58.51 -6.71 16.32
CA GLY B 70 58.49 -7.97 15.59
C GLY B 70 59.54 -8.94 16.09
N ILE B 71 60.13 -9.68 15.15
CA ILE B 71 61.19 -10.63 15.44
C ILE B 71 62.49 -10.17 14.78
N GLU B 72 62.70 -8.87 14.72
CA GLU B 72 63.80 -8.34 13.93
C GLU B 72 65.18 -8.49 14.57
N PRO B 73 65.35 -8.29 15.90
CA PRO B 73 66.68 -8.51 16.48
C PRO B 73 67.12 -9.97 16.41
N TYR B 74 66.27 -10.87 15.89
CA TYR B 74 66.50 -12.29 16.08
C TYR B 74 66.72 -13.03 14.76
N ARG B 75 66.67 -12.30 13.67
CA ARG B 75 66.84 -12.95 12.35
C ARG B 75 68.33 -13.15 12.13
N LEU B 76 68.68 -14.16 11.37
CA LEU B 76 70.10 -14.42 11.07
C LEU B 76 70.24 -14.24 9.58
N PRO B 77 71.31 -13.59 9.11
CA PRO B 77 71.49 -13.38 7.70
C PRO B 77 71.60 -14.73 7.00
N GLU B 78 70.97 -14.85 5.85
CA GLU B 78 71.05 -16.12 5.09
C GLU B 78 72.45 -16.24 4.50
N VAL B 79 72.93 -17.47 4.36
CA VAL B 79 74.26 -17.73 3.77
C VAL B 79 73.96 -18.26 2.37
N ILE B 80 74.54 -17.66 1.34
CA ILE B 80 74.28 -18.16 -0.03
C ILE B 80 75.43 -19.12 -0.33
N GLN B 81 75.14 -20.40 -0.48
CA GLN B 81 76.21 -21.39 -0.72
C GLN B 81 75.92 -22.24 -1.95
N LYS B 82 76.89 -22.33 -2.85
CA LYS B 82 76.76 -23.14 -4.08
C LYS B 82 76.66 -24.60 -3.65
N CYS B 83 75.84 -25.37 -4.33
CA CYS B 83 75.59 -26.73 -3.88
C CYS B 83 76.65 -27.68 -4.45
N ASN B 84 77.28 -28.46 -3.58
CA ASN B 84 78.43 -29.30 -3.91
C ASN B 84 78.02 -30.77 -3.98
N ALA B 85 78.94 -31.59 -4.47
CA ALA B 85 78.64 -32.99 -4.75
C ALA B 85 79.44 -33.97 -3.90
N ARG B 86 80.74 -33.69 -3.68
CA ARG B 86 81.56 -34.57 -2.87
C ARG B 86 81.23 -34.42 -1.39
N TRP B 87 81.35 -35.53 -0.64
CA TRP B 87 80.95 -35.62 0.78
C TRP B 87 82.17 -35.58 1.68
N THR B 88 82.49 -34.42 2.27
CA THR B 88 83.60 -34.41 3.23
C THR B 88 83.24 -35.27 4.42
N THR B 89 84.26 -35.77 5.12
CA THR B 89 84.00 -36.44 6.39
C THR B 89 83.21 -35.54 7.34
N GLU B 90 83.47 -34.24 7.31
CA GLU B 90 82.71 -33.30 8.14
C GLU B 90 81.22 -33.36 7.79
N GLU B 91 80.89 -33.20 6.50
CA GLU B 91 79.49 -33.17 6.09
C GLU B 91 78.83 -34.51 6.34
N GLN B 92 79.59 -35.60 6.29
CA GLN B 92 79.03 -36.90 6.62
C GLN B 92 78.57 -36.95 8.06
N LEU B 93 79.39 -36.39 8.98
CA LEU B 93 79.13 -36.47 10.41
C LEU B 93 78.00 -35.52 10.80
N LEU B 94 77.94 -34.35 10.16
CA LEU B 94 76.78 -33.47 10.33
C LEU B 94 75.49 -34.19 9.95
N ALA B 95 75.54 -35.02 8.91
CA ALA B 95 74.34 -35.65 8.38
C ALA B 95 73.79 -36.70 9.33
N VAL B 96 74.62 -37.69 9.69
CA VAL B 96 74.24 -38.73 10.66
C VAL B 96 73.66 -38.13 11.94
N GLN B 97 74.04 -36.90 12.26
CA GLN B 97 73.49 -36.26 13.44
C GLN B 97 72.16 -35.59 13.17
N ALA B 98 71.93 -35.15 11.93
CA ALA B 98 70.64 -34.58 11.54
C ALA B 98 69.58 -35.67 11.43
N ILE B 99 69.97 -36.82 10.88
CA ILE B 99 69.10 -38.00 10.88
C ILE B 99 68.67 -38.32 12.30
N ARG B 100 69.60 -38.32 13.25
CA ARG B 100 69.24 -38.63 14.65
C ARG B 100 68.29 -37.61 15.24
N LYS B 101 68.25 -36.42 14.66
CA LYS B 101 67.46 -35.32 15.17
C LYS B 101 66.20 -35.07 14.39
N TYR B 102 66.25 -35.26 13.08
CA TYR B 102 65.16 -34.90 12.18
C TYR B 102 64.52 -36.09 11.44
N GLY B 103 64.98 -37.29 11.72
CA GLY B 103 64.39 -38.48 11.09
C GLY B 103 64.41 -38.40 9.58
N ARG B 104 63.25 -38.26 8.94
CA ARG B 104 63.23 -38.22 7.46
C ARG B 104 62.76 -36.85 7.01
N ASP B 105 63.29 -35.78 7.57
CA ASP B 105 62.87 -34.46 7.07
C ASP B 105 64.00 -33.94 6.22
N PHE B 106 64.17 -34.53 5.05
CA PHE B 106 65.24 -34.23 4.07
C PHE B 106 65.49 -32.73 3.91
N GLN B 107 64.44 -31.93 3.78
CA GLN B 107 64.60 -30.46 3.68
C GLN B 107 65.47 -29.98 4.83
N ALA B 108 65.10 -30.33 6.06
CA ALA B 108 65.86 -29.87 7.23
C ALA B 108 67.30 -30.32 7.09
N ILE B 109 67.49 -31.63 6.98
CA ILE B 109 68.83 -32.20 6.85
C ILE B 109 69.62 -31.48 5.77
N SER B 110 68.99 -31.18 4.63
CA SER B 110 69.67 -30.44 3.58
C SER B 110 69.98 -29.01 4.01
N ASP B 111 69.20 -28.44 4.92
CA ASP B 111 69.48 -27.09 5.39
C ASP B 111 70.62 -27.06 6.40
N VAL B 112 70.71 -28.09 7.25
CA VAL B 112 71.81 -28.20 8.20
C VAL B 112 73.13 -28.33 7.48
N ILE B 113 73.23 -29.30 6.56
CA ILE B 113 74.50 -29.57 5.89
C ILE B 113 74.91 -28.37 5.04
N GLY B 114 73.96 -27.67 4.46
CA GLY B 114 74.21 -26.40 3.82
C GLY B 114 74.62 -26.41 2.36
N ASN B 115 75.43 -27.40 1.94
CA ASN B 115 75.83 -27.50 0.54
C ASN B 115 75.49 -28.85 -0.06
N LYS B 116 74.60 -29.61 0.57
CA LYS B 116 73.95 -30.75 -0.07
C LYS B 116 72.47 -30.42 -0.20
N SER B 117 71.96 -30.47 -1.43
CA SER B 117 70.54 -30.29 -1.67
C SER B 117 69.79 -31.59 -1.31
N VAL B 118 68.50 -31.64 -1.66
CA VAL B 118 67.59 -32.58 -1.00
C VAL B 118 67.67 -33.97 -1.60
N VAL B 119 68.12 -34.10 -2.85
CA VAL B 119 68.21 -35.38 -3.52
C VAL B 119 69.40 -36.19 -3.04
N GLN B 120 70.58 -35.56 -2.97
CA GLN B 120 71.73 -36.32 -2.56
C GLN B 120 71.74 -36.56 -1.05
N VAL B 121 70.84 -35.90 -0.31
CA VAL B 121 70.42 -36.44 0.97
C VAL B 121 69.78 -37.82 0.78
N LYS B 122 68.77 -37.92 -0.09
CA LYS B 122 68.15 -39.20 -0.40
C LYS B 122 69.20 -40.23 -0.80
N ASN B 123 70.11 -39.86 -1.71
CA ASN B 123 71.14 -40.78 -2.19
C ASN B 123 72.02 -41.29 -1.05
N PHE B 124 72.32 -40.43 -0.08
CA PHE B 124 73.14 -40.82 1.06
C PHE B 124 72.42 -41.67 2.10
N PHE B 125 71.10 -41.56 2.23
CA PHE B 125 70.43 -42.56 3.06
C PHE B 125 70.65 -43.97 2.56
N VAL B 126 71.16 -44.13 1.34
CA VAL B 126 71.21 -45.43 0.67
C VAL B 126 72.66 -45.90 0.50
N ASN B 127 73.50 -45.08 -0.12
CA ASN B 127 74.89 -45.46 -0.33
C ASN B 127 75.59 -45.75 0.99
N TYR B 128 75.42 -44.87 1.98
CA TYR B 128 76.05 -45.04 3.28
C TYR B 128 75.08 -45.62 4.31
N ARG B 129 74.06 -46.35 3.86
CA ARG B 129 73.12 -46.99 4.79
C ARG B 129 73.80 -48.05 5.63
N ARG B 130 74.64 -48.88 4.99
CA ARG B 130 75.36 -49.93 5.70
C ARG B 130 76.30 -49.35 6.74
N ARG B 131 77.23 -48.50 6.28
CA ARG B 131 78.43 -48.16 7.03
C ARG B 131 78.13 -47.21 8.19
N PHE B 132 77.12 -46.35 8.05
CA PHE B 132 76.73 -45.42 9.10
C PHE B 132 75.54 -45.92 9.88
N ASN B 133 75.15 -47.15 9.64
CA ASN B 133 74.16 -47.84 10.47
C ASN B 133 72.87 -47.02 10.55
N ILE B 134 72.44 -46.49 9.39
CA ILE B 134 71.39 -45.49 9.36
C ILE B 134 70.06 -46.07 9.84
N ASP B 135 69.88 -47.39 9.73
CA ASP B 135 68.64 -48.01 10.21
C ASP B 135 68.47 -47.85 11.72
N GLU B 136 69.49 -48.27 12.49
CA GLU B 136 69.45 -48.12 13.94
C GLU B 136 69.26 -46.66 14.34
N VAL B 137 69.82 -45.75 13.55
CA VAL B 137 69.67 -44.34 13.95
C VAL B 137 68.20 -43.94 13.87
N LEU B 138 67.54 -44.27 12.78
CA LEU B 138 66.13 -43.86 12.63
C LEU B 138 65.27 -44.47 13.74
N GLN B 139 65.52 -45.72 14.11
CA GLN B 139 64.72 -46.32 15.20
C GLN B 139 64.89 -45.50 16.46
N GLU B 140 66.12 -45.09 16.78
CA GLU B 140 66.38 -44.31 18.00
C GLU B 140 65.61 -42.98 17.87
N TRP B 141 65.62 -42.36 16.70
CA TRP B 141 64.84 -41.10 16.51
C TRP B 141 63.36 -41.38 16.64
N GLU B 142 62.92 -42.54 16.15
CA GLU B 142 61.48 -42.87 16.17
C GLU B 142 60.98 -42.88 17.62
N ALA B 143 61.74 -43.39 18.58
CA ALA B 143 61.24 -43.38 19.97
C ALA B 143 61.53 -42.03 20.64
N GLU B 144 60.91 -40.95 20.18
CA GLU B 144 61.12 -39.59 20.72
C GLU B 144 60.13 -38.66 20.01
#